data_1UH3
#
_entry.id   1UH3
#
_cell.length_a   121.611
_cell.length_b   50.600
_cell.length_c   108.555
_cell.angle_alpha   90.00
_cell.angle_beta   103.77
_cell.angle_gamma   90.00
#
_symmetry.space_group_name_H-M   'C 1 2 1'
#
loop_
_entity.id
_entity.type
_entity.pdbx_description
1 polymer 'alpha-amylase I'
2 branched beta-D-glucopyranose-(1-4)-alpha-D-glucopyranose
3 branched 4,6-dideoxy-alpha-D-xylo-hexopyranose-(1-4)-alpha-D-glucopyranose
4 branched alpha-D-glucopyranose-(1-4)-alpha-D-glucopyranose-(1-4)-alpha-D-glucopyranose-(1-4)-alpha-D-glucopyranose
5 branched alpha-D-glucopyranose-(1-4)-alpha-D-glucopyranose
6 non-polymer 6-AMINO-4-HYDROXYMETHYL-CYCLOHEX-4-ENE-1,2,3-TRIOL
7 non-polymer (1S,2S,3R,6R)-6-amino-4-(hydroxymethyl)cyclohex-4-ene-1,2,3-triol
8 non-polymer 'CALCIUM ION'
9 water water
#
_entity_poly.entity_id   1
_entity_poly.type   'polypeptide(L)'
_entity_poly.pdbx_seq_one_letter_code
;AANDNNVEWNGLFHDQGPLFDNAPEPTSTQSVTLKLRTFKGDITSANIKYWDTADNAFHWVPMVWDSNDPTGTFDYWKGT
IPASPSIKYYRFQINDGTSTAWYNGNGPSSTEPNADDFYIIPNFKTPDWLKNGVMYQIFPDRFYNGDSSNDVQTGSYTYN
GTPTEKKAWGSSVYADPGYDNSLVFFGGDLAGIDQKLGYIKKTLGANILYLNPIFKAPTNHKYDTQDYMAVDPAFGDNST
LQTLINDIHSTANGPKGYLILDGVFNHTGDSHPWFDKYNNFSSQGAYESQSSPWYNYYTFYTWPDSYASFLGFNSLPKLN
YGNSGSAVRGVIYNNSNSVAKTYLNPPYSVDGWRLDAAQYVDANGNNGSDVTNHQIWSEFRNAVKGVNSNAAIIGEYWGN
ANPWTAQGNQWDAATNFDGFTQPVSEWITGKDYQNNSASISTTQFDSWLRGTRANYPTNVQQSMMNFLSNHDITRFATRS
GGDLWKTYLALIFQMTYVGTPTIYYGDEYGMQGGADPDNRRSFDWSQATPSNSAVALTQKLITIRNQYPALRTGSFMTLI
TDDTNKIYSYGRFDNVNRIAVVLNNDSVSHTVNVPVWQLSMPNGSTVTDKITGHSYTVQNGMVTVAVDGHYGAVLAQ
;
_entity_poly.pdbx_strand_id   A
#
# COMPACT_ATOMS: atom_id res chain seq x y z
N ALA A 1 20.78 24.41 20.91
CA ALA A 1 21.36 24.58 22.27
C ALA A 1 21.67 26.05 22.54
N ALA A 2 22.03 26.80 21.50
CA ALA A 2 22.33 28.23 21.68
C ALA A 2 22.51 28.97 20.36
N ASN A 3 22.69 30.28 20.45
CA ASN A 3 22.94 31.09 19.27
C ASN A 3 24.46 31.10 19.12
N ASP A 4 24.95 30.23 18.25
CA ASP A 4 26.38 30.07 18.05
C ASP A 4 26.80 29.90 16.58
N ASN A 5 26.09 30.56 15.67
CA ASN A 5 26.41 30.41 14.26
C ASN A 5 26.44 28.94 13.88
N ASN A 6 25.48 28.19 14.41
CA ASN A 6 25.39 26.77 14.12
C ASN A 6 23.97 26.22 14.29
N VAL A 7 23.39 25.74 13.20
CA VAL A 7 22.05 25.15 13.25
C VAL A 7 22.22 23.68 13.59
N GLU A 8 21.67 23.25 14.72
CA GLU A 8 21.79 21.84 15.12
C GLU A 8 20.72 20.99 14.48
N TRP A 9 21.14 20.16 13.53
CA TRP A 9 20.25 19.28 12.77
C TRP A 9 19.41 18.34 13.64
N ASN A 10 20.01 17.83 14.71
CA ASN A 10 19.32 16.90 15.60
C ASN A 10 18.10 17.51 16.30
N GLY A 11 18.04 18.84 16.36
CA GLY A 11 16.90 19.48 16.99
C GLY A 11 15.79 19.75 16.00
N LEU A 12 16.15 19.79 14.72
CA LEU A 12 15.21 20.06 13.65
C LEU A 12 14.23 18.94 13.31
N PHE A 13 13.01 19.32 12.98
CA PHE A 13 11.99 18.37 12.56
C PHE A 13 10.71 18.98 12.02
N HIS A 14 10.08 18.24 11.13
CA HIS A 14 8.80 18.62 10.55
C HIS A 14 8.30 17.60 9.54
N ASP A 15 6.99 17.39 9.56
CA ASP A 15 6.33 16.54 8.59
C ASP A 15 4.89 16.95 8.73
N GLN A 16 3.98 16.34 7.98
CA GLN A 16 2.61 16.77 8.06
C GLN A 16 1.78 16.06 9.13
N GLY A 17 2.45 15.67 10.21
CA GLY A 17 1.77 15.02 11.33
C GLY A 17 1.01 16.07 12.12
N PRO A 18 0.09 15.65 13.01
CA PRO A 18 -0.71 16.57 13.82
C PRO A 18 0.00 17.70 14.57
N LEU A 19 1.19 17.44 15.11
CA LEU A 19 1.94 18.46 15.84
C LEU A 19 2.47 19.59 14.97
N PHE A 20 2.60 19.33 13.67
CA PHE A 20 3.20 20.31 12.76
C PHE A 20 2.38 20.87 11.61
N ASP A 21 1.27 20.21 11.27
CA ASP A 21 0.41 20.68 10.18
C ASP A 21 -1.05 20.65 10.65
N ASN A 22 -1.65 21.83 10.74
CA ASN A 22 -3.03 21.97 11.21
C ASN A 22 -4.05 21.59 10.14
N ALA A 23 -3.59 21.32 8.92
CA ALA A 23 -4.48 20.96 7.82
C ALA A 23 -3.74 20.21 6.71
N PRO A 24 -3.59 18.88 6.86
CA PRO A 24 -2.93 17.98 5.92
C PRO A 24 -3.70 17.63 4.64
N GLU A 25 -5.00 17.89 4.63
CA GLU A 25 -5.86 17.64 3.47
C GLU A 25 -6.85 18.80 3.41
N PRO A 26 -6.39 19.98 2.99
CA PRO A 26 -7.20 21.20 2.91
C PRO A 26 -7.97 21.43 1.61
N THR A 27 -9.06 22.19 1.72
CA THR A 27 -9.88 22.53 0.57
C THR A 27 -9.32 23.85 0.03
N SER A 28 -9.93 24.36 -1.04
CA SER A 28 -9.50 25.62 -1.66
C SER A 28 -9.49 26.80 -0.72
N THR A 29 -10.34 26.74 0.31
CA THR A 29 -10.48 27.86 1.25
C THR A 29 -9.83 27.70 2.63
N GLN A 30 -9.01 26.67 2.82
CA GLN A 30 -8.38 26.44 4.11
C GLN A 30 -6.89 26.75 4.17
N SER A 31 -6.49 27.50 5.20
CA SER A 31 -5.10 27.87 5.41
C SER A 31 -4.31 26.74 6.04
N VAL A 32 -3.04 26.64 5.65
CA VAL A 32 -2.17 25.61 6.19
C VAL A 32 -1.15 26.27 7.11
N THR A 33 -1.28 26.00 8.40
CA THR A 33 -0.34 26.55 9.36
C THR A 33 0.69 25.46 9.64
N LEU A 34 1.95 25.80 9.43
CA LEU A 34 3.05 24.87 9.62
C LEU A 34 3.88 25.19 10.87
N LYS A 35 4.41 24.16 11.49
CA LYS A 35 5.23 24.37 12.67
C LYS A 35 6.55 23.64 12.50
N LEU A 36 7.63 24.38 12.71
CA LEU A 36 8.97 23.83 12.60
C LEU A 36 9.48 23.65 14.02
N ARG A 37 10.22 22.57 14.25
CA ARG A 37 10.76 22.31 15.57
C ARG A 37 12.30 22.41 15.54
N THR A 38 12.86 22.99 16.60
CA THR A 38 14.31 23.15 16.73
C THR A 38 14.66 23.08 18.20
N PHE A 39 15.94 22.85 18.50
CA PHE A 39 16.37 22.83 19.89
C PHE A 39 16.03 24.22 20.38
N LYS A 40 15.70 24.35 21.67
CA LYS A 40 15.35 25.66 22.22
C LYS A 40 16.52 26.66 22.16
N GLY A 41 16.24 27.85 21.63
CA GLY A 41 17.23 28.90 21.53
C GLY A 41 18.40 28.59 20.61
N ASP A 42 18.16 27.78 19.59
CA ASP A 42 19.20 27.40 18.64
C ASP A 42 19.33 28.26 17.40
N ILE A 43 18.23 28.90 16.97
CA ILE A 43 18.27 29.72 15.76
C ILE A 43 17.97 31.21 15.94
N THR A 44 18.14 31.97 14.86
CA THR A 44 17.88 33.41 14.89
C THR A 44 16.67 33.73 14.02
N SER A 45 16.42 32.90 13.02
CA SER A 45 15.28 33.12 12.16
C SER A 45 15.02 31.89 11.28
N ALA A 46 13.77 31.77 10.81
CA ALA A 46 13.40 30.67 9.93
C ALA A 46 12.31 31.15 8.98
N ASN A 47 12.24 30.54 7.80
CA ASN A 47 11.24 30.93 6.80
C ASN A 47 10.73 29.75 5.97
N ILE A 48 9.53 29.93 5.43
CA ILE A 48 8.91 28.93 4.59
C ILE A 48 9.04 29.41 3.15
N LYS A 49 9.56 28.55 2.27
CA LYS A 49 9.69 28.91 0.88
C LYS A 49 8.82 27.92 0.10
N TYR A 50 7.79 28.42 -0.57
CA TYR A 50 6.94 27.53 -1.34
C TYR A 50 6.73 27.96 -2.78
N TRP A 51 6.57 26.95 -3.62
CA TRP A 51 6.35 27.17 -5.04
C TRP A 51 4.86 27.03 -5.26
N ASP A 52 4.25 28.07 -5.82
CA ASP A 52 2.82 28.03 -6.09
C ASP A 52 2.65 27.80 -7.58
N THR A 53 1.96 26.73 -7.92
CA THR A 53 1.71 26.38 -9.31
C THR A 53 0.77 27.34 -10.02
N ALA A 54 0.17 28.26 -9.26
CA ALA A 54 -0.77 29.22 -9.84
C ALA A 54 -0.08 30.33 -10.64
N ASP A 55 1.15 30.67 -10.26
CA ASP A 55 1.89 31.69 -10.99
C ASP A 55 3.31 31.23 -11.29
N ASN A 56 3.62 29.98 -10.94
CA ASN A 56 4.94 29.41 -11.17
C ASN A 56 6.06 30.26 -10.57
N ALA A 57 5.98 30.54 -9.28
CA ALA A 57 6.98 31.36 -8.62
C ALA A 57 7.17 30.95 -7.17
N PHE A 58 8.29 31.35 -6.57
CA PHE A 58 8.57 31.05 -5.18
C PHE A 58 8.03 32.16 -4.30
N HIS A 59 7.46 31.81 -3.16
CA HIS A 59 6.91 32.80 -2.24
C HIS A 59 7.52 32.61 -0.86
N TRP A 60 7.56 33.70 -0.10
CA TRP A 60 8.18 33.68 1.21
C TRP A 60 7.31 34.01 2.41
N VAL A 61 7.43 33.18 3.45
CA VAL A 61 6.67 33.38 4.67
C VAL A 61 7.55 33.27 5.91
N PRO A 62 8.00 34.42 6.43
CA PRO A 62 8.84 34.37 7.64
C PRO A 62 8.08 33.69 8.76
N MET A 63 8.78 32.88 9.56
CA MET A 63 8.16 32.17 10.66
C MET A 63 8.40 32.88 11.99
N VAL A 64 7.54 32.61 12.97
CA VAL A 64 7.63 33.22 14.29
C VAL A 64 7.61 32.15 15.38
N TRP A 65 8.39 32.36 16.45
CA TRP A 65 8.44 31.41 17.55
C TRP A 65 7.03 31.27 18.11
N ASP A 66 6.57 30.02 18.22
CA ASP A 66 5.24 29.75 18.73
C ASP A 66 5.27 29.31 20.19
N SER A 67 6.10 28.31 20.50
CA SER A 67 6.17 27.81 21.87
C SER A 67 7.29 26.80 22.13
N ASN A 68 7.32 26.32 23.37
CA ASN A 68 8.28 25.32 23.80
C ASN A 68 7.51 24.02 23.98
N ASP A 69 8.20 22.89 23.89
CA ASP A 69 7.55 21.60 24.09
C ASP A 69 7.52 21.37 25.60
N PRO A 70 6.67 20.44 26.07
CA PRO A 70 6.53 20.12 27.50
C PRO A 70 7.82 19.98 28.30
N THR A 71 8.87 19.47 27.67
CA THR A 71 10.15 19.28 28.34
C THR A 71 11.08 20.49 28.23
N GLY A 72 10.61 21.58 27.64
CA GLY A 72 11.44 22.76 27.51
C GLY A 72 12.75 22.52 26.78
N THR A 73 12.77 21.53 25.90
CA THR A 73 13.98 21.21 25.16
C THR A 73 13.90 21.74 23.71
N PHE A 74 12.69 21.90 23.21
CA PHE A 74 12.54 22.37 21.85
C PHE A 74 11.73 23.64 21.68
N ASP A 75 11.92 24.29 20.53
CA ASP A 75 11.21 25.49 20.16
C ASP A 75 10.35 25.10 18.97
N TYR A 76 9.18 25.71 18.86
CA TYR A 76 8.31 25.45 17.74
C TYR A 76 8.11 26.78 17.02
N TRP A 77 8.50 26.84 15.75
CA TRP A 77 8.33 28.06 14.96
C TRP A 77 7.17 27.84 13.99
N LYS A 78 6.34 28.87 13.82
CA LYS A 78 5.18 28.76 12.93
C LYS A 78 5.13 29.75 11.78
N GLY A 79 4.37 29.38 10.77
CA GLY A 79 4.19 30.19 9.59
C GLY A 79 2.94 29.63 8.93
N THR A 80 2.27 30.45 8.12
CA THR A 80 1.05 30.00 7.47
C THR A 80 1.07 30.24 5.97
N ILE A 81 0.66 29.22 5.20
CA ILE A 81 0.59 29.36 3.75
C ILE A 81 -0.88 29.64 3.44
N PRO A 82 -1.16 30.77 2.77
CA PRO A 82 -2.53 31.18 2.41
C PRO A 82 -3.33 30.13 1.65
N ALA A 83 -4.65 30.14 1.85
CA ALA A 83 -5.55 29.20 1.21
C ALA A 83 -5.91 29.57 -0.22
N SER A 84 -5.84 28.58 -1.11
CA SER A 84 -6.20 28.75 -2.52
C SER A 84 -6.39 27.36 -3.13
N PRO A 85 -6.85 27.29 -4.38
CA PRO A 85 -7.06 25.99 -5.03
C PRO A 85 -5.79 25.31 -5.53
N SER A 86 -4.77 26.10 -5.80
CA SER A 86 -3.52 25.60 -6.37
C SER A 86 -2.60 24.69 -5.54
N ILE A 87 -1.94 23.79 -6.25
CA ILE A 87 -0.98 22.87 -5.64
C ILE A 87 0.24 23.70 -5.24
N LYS A 88 0.82 23.38 -4.09
CA LYS A 88 1.97 24.12 -3.61
C LYS A 88 3.06 23.19 -3.06
N TYR A 89 4.31 23.61 -3.19
CA TYR A 89 5.45 22.84 -2.71
C TYR A 89 6.25 23.74 -1.78
N TYR A 90 6.57 23.26 -0.58
CA TYR A 90 7.33 24.07 0.36
C TYR A 90 8.53 23.37 1.00
N ARG A 91 9.43 24.19 1.53
CA ARG A 91 10.66 23.74 2.19
C ARG A 91 11.00 24.83 3.22
N PHE A 92 11.94 24.55 4.13
CA PHE A 92 12.30 25.55 5.13
C PHE A 92 13.75 26.00 5.06
N GLN A 93 13.96 27.28 5.33
CA GLN A 93 15.31 27.81 5.38
C GLN A 93 15.46 28.09 6.87
N ILE A 94 16.52 27.56 7.46
CA ILE A 94 16.76 27.74 8.89
C ILE A 94 18.07 28.47 9.14
N ASN A 95 17.99 29.58 9.86
CA ASN A 95 19.16 30.38 10.13
C ASN A 95 19.53 30.59 11.59
N ASP A 96 20.84 30.59 11.84
CA ASP A 96 21.42 30.86 13.14
C ASP A 96 22.71 31.61 12.85
N GLY A 97 22.58 32.93 12.74
CA GLY A 97 23.73 33.75 12.43
C GLY A 97 24.29 33.41 11.07
N THR A 98 25.57 33.07 11.04
CA THR A 98 26.25 32.74 9.81
C THR A 98 25.94 31.35 9.26
N SER A 99 25.19 30.57 10.04
CA SER A 99 24.84 29.23 9.61
C SER A 99 23.42 29.17 9.06
N THR A 100 23.27 28.46 7.94
CA THR A 100 21.97 28.28 7.31
C THR A 100 21.79 26.83 6.89
N ALA A 101 20.61 26.29 7.16
CA ALA A 101 20.31 24.92 6.78
C ALA A 101 18.94 24.91 6.13
N TRP A 102 18.64 23.86 5.36
CA TRP A 102 17.35 23.70 4.71
C TRP A 102 16.70 22.38 5.14
N TYR A 103 15.38 22.31 5.06
CA TYR A 103 14.66 21.12 5.46
C TYR A 103 13.42 20.91 4.61
N ASN A 104 13.22 19.68 4.17
CA ASN A 104 12.04 19.34 3.37
C ASN A 104 11.71 17.86 3.55
N GLY A 105 10.95 17.30 2.62
CA GLY A 105 10.58 15.90 2.72
C GLY A 105 11.74 14.92 2.94
N ASN A 106 12.95 15.34 2.59
CA ASN A 106 14.12 14.49 2.75
C ASN A 106 14.97 14.84 3.97
N GLY A 107 14.42 15.64 4.87
CA GLY A 107 15.16 16.03 6.06
C GLY A 107 16.14 17.19 5.90
N PRO A 108 17.09 17.35 6.85
CA PRO A 108 18.11 18.40 6.86
C PRO A 108 18.96 18.45 5.60
N SER A 109 19.61 19.58 5.37
CA SER A 109 20.45 19.74 4.19
C SER A 109 21.30 20.99 4.32
N SER A 110 22.58 20.90 3.96
CA SER A 110 23.46 22.06 4.05
C SER A 110 23.24 23.00 2.86
N THR A 111 22.85 22.44 1.72
CA THR A 111 22.59 23.22 0.51
C THR A 111 21.09 23.23 0.24
N GLU A 112 20.61 24.21 -0.54
CA GLU A 112 19.18 24.27 -0.86
C GLU A 112 18.77 23.17 -1.83
N PRO A 113 17.76 22.37 -1.46
CA PRO A 113 17.25 21.27 -2.27
C PRO A 113 16.34 21.78 -3.37
N ASN A 114 16.20 21.00 -4.43
CA ASN A 114 15.34 21.39 -5.53
C ASN A 114 14.26 20.34 -5.73
N ALA A 115 14.30 19.29 -4.91
CA ALA A 115 13.31 18.22 -5.00
C ALA A 115 12.98 17.75 -3.60
N ASP A 116 12.00 16.84 -3.51
CA ASP A 116 11.55 16.27 -2.25
C ASP A 116 10.85 17.25 -1.29
N ASP A 117 10.28 18.31 -1.84
CA ASP A 117 9.58 19.29 -1.01
C ASP A 117 8.29 18.69 -0.46
N PHE A 118 7.69 19.35 0.53
CA PHE A 118 6.42 18.86 1.08
C PHE A 118 5.31 19.33 0.15
N TYR A 119 4.22 18.57 0.10
CA TYR A 119 3.08 18.86 -0.77
C TYR A 119 1.89 19.49 -0.08
N ILE A 120 1.13 20.24 -0.86
CA ILE A 120 -0.12 20.85 -0.40
C ILE A 120 -1.05 20.77 -1.60
N ILE A 121 -1.86 19.70 -1.65
CA ILE A 121 -2.81 19.47 -2.75
C ILE A 121 -4.22 19.84 -2.31
N PRO A 122 -4.66 21.09 -2.56
CA PRO A 122 -6.02 21.44 -2.13
C PRO A 122 -7.11 20.51 -2.68
N ASN A 123 -8.07 20.16 -1.81
CA ASN A 123 -9.20 19.30 -2.16
C ASN A 123 -8.86 17.86 -2.56
N PHE A 124 -7.63 17.45 -2.31
CA PHE A 124 -7.24 16.08 -2.62
C PHE A 124 -7.50 15.26 -1.38
N LYS A 125 -8.22 14.16 -1.53
CA LYS A 125 -8.52 13.36 -0.36
C LYS A 125 -8.43 11.86 -0.61
N THR A 126 -7.73 11.17 0.27
CA THR A 126 -7.61 9.72 0.21
C THR A 126 -8.51 9.25 1.34
N PRO A 127 -9.38 8.27 1.07
CA PRO A 127 -10.29 7.77 2.11
C PRO A 127 -9.56 7.43 3.40
N ASP A 128 -10.09 7.92 4.52
CA ASP A 128 -9.47 7.68 5.80
C ASP A 128 -9.48 6.25 6.31
N TRP A 129 -10.51 5.48 5.98
CA TRP A 129 -10.54 4.10 6.44
C TRP A 129 -9.33 3.35 5.89
N LEU A 130 -8.93 3.67 4.66
CA LEU A 130 -7.77 3.02 4.04
C LEU A 130 -6.52 3.42 4.79
N LYS A 131 -6.50 4.69 5.20
CA LYS A 131 -5.40 5.28 5.93
C LYS A 131 -5.20 4.63 7.30
N ASN A 132 -6.31 4.28 7.95
CA ASN A 132 -6.29 3.69 9.29
C ASN A 132 -6.54 2.19 9.37
N GLY A 133 -6.79 1.53 8.24
CA GLY A 133 -7.06 0.11 8.30
C GLY A 133 -5.88 -0.82 8.10
N VAL A 134 -6.17 -2.11 8.15
CA VAL A 134 -5.20 -3.18 7.95
C VAL A 134 -5.83 -4.03 6.86
N MET A 135 -5.06 -4.31 5.81
CA MET A 135 -5.57 -5.07 4.68
C MET A 135 -5.09 -6.51 4.65
N TYR A 136 -5.89 -7.38 4.04
CA TYR A 136 -5.57 -8.80 3.92
C TYR A 136 -5.89 -9.17 2.49
N GLN A 137 -4.87 -9.58 1.73
CA GLN A 137 -5.06 -9.95 0.34
C GLN A 137 -5.30 -11.44 0.17
N ILE A 138 -6.23 -11.80 -0.70
CA ILE A 138 -6.56 -13.19 -0.97
C ILE A 138 -6.59 -13.53 -2.46
N PHE A 139 -5.94 -14.64 -2.78
CA PHE A 139 -5.87 -15.18 -4.14
C PHE A 139 -6.93 -16.29 -4.05
N PRO A 140 -8.20 -15.93 -4.28
CA PRO A 140 -9.38 -16.78 -4.24
C PRO A 140 -9.24 -18.30 -4.25
N ASP A 141 -8.78 -18.85 -5.38
CA ASP A 141 -8.65 -20.30 -5.49
C ASP A 141 -7.80 -20.96 -4.41
N ARG A 142 -6.91 -20.21 -3.80
CA ARG A 142 -6.00 -20.77 -2.80
C ARG A 142 -6.28 -20.48 -1.33
N PHE A 143 -7.42 -19.87 -1.02
CA PHE A 143 -7.70 -19.54 0.37
C PHE A 143 -8.53 -20.56 1.13
N TYR A 144 -9.74 -20.84 0.64
CA TYR A 144 -10.58 -21.81 1.30
C TYR A 144 -11.76 -22.29 0.48
N ASN A 145 -11.80 -23.59 0.24
CA ASN A 145 -12.88 -24.20 -0.51
C ASN A 145 -14.09 -24.30 0.41
N GLY A 146 -14.98 -23.31 0.31
CA GLY A 146 -16.16 -23.30 1.16
C GLY A 146 -17.37 -23.95 0.52
N ASP A 147 -17.22 -24.35 -0.74
CA ASP A 147 -18.30 -24.98 -1.48
C ASP A 147 -17.64 -25.89 -2.50
N SER A 148 -17.72 -27.20 -2.30
CA SER A 148 -17.10 -28.15 -3.23
C SER A 148 -17.92 -28.43 -4.47
N SER A 149 -19.12 -27.87 -4.54
CA SER A 149 -19.98 -28.11 -5.70
C SER A 149 -19.58 -27.26 -6.91
N ASN A 150 -18.94 -26.12 -6.68
CA ASN A 150 -18.51 -25.24 -7.78
C ASN A 150 -17.05 -25.46 -8.17
N ASP A 151 -16.45 -26.53 -7.64
CA ASP A 151 -15.05 -26.82 -7.93
C ASP A 151 -14.77 -27.16 -9.38
N VAL A 152 -13.64 -26.67 -9.88
CA VAL A 152 -13.23 -27.01 -11.23
C VAL A 152 -12.55 -28.36 -11.04
N GLN A 153 -12.91 -29.32 -11.89
CA GLN A 153 -12.35 -30.66 -11.81
C GLN A 153 -11.40 -30.88 -12.97
N THR A 154 -10.60 -31.94 -12.89
CA THR A 154 -9.68 -32.27 -13.96
C THR A 154 -10.50 -32.60 -15.20
N GLY A 155 -10.21 -31.92 -16.30
CA GLY A 155 -10.95 -32.18 -17.53
C GLY A 155 -12.25 -31.42 -17.59
N SER A 156 -12.71 -30.86 -16.46
CA SER A 156 -13.95 -30.08 -16.42
C SER A 156 -14.13 -29.32 -17.73
N TYR A 157 -13.06 -28.71 -18.21
CA TYR A 157 -13.08 -27.99 -19.48
C TYR A 157 -11.65 -27.70 -19.93
N THR A 158 -11.49 -27.28 -21.17
CA THR A 158 -10.17 -27.01 -21.71
C THR A 158 -10.01 -25.57 -22.17
N TYR A 159 -8.77 -25.08 -22.12
CA TYR A 159 -8.45 -23.73 -22.55
C TYR A 159 -7.25 -23.73 -23.48
N ASN A 160 -7.47 -23.30 -24.72
CA ASN A 160 -6.40 -23.26 -25.70
C ASN A 160 -5.80 -24.66 -25.80
N GLY A 161 -6.68 -25.65 -25.90
CA GLY A 161 -6.25 -27.03 -26.03
C GLY A 161 -5.74 -27.75 -24.79
N THR A 162 -5.80 -27.11 -23.62
CA THR A 162 -5.33 -27.77 -22.40
C THR A 162 -6.46 -28.00 -21.42
N PRO A 163 -6.60 -29.25 -20.93
CA PRO A 163 -7.65 -29.59 -19.96
C PRO A 163 -7.26 -29.09 -18.57
N THR A 164 -8.24 -28.79 -17.74
CA THR A 164 -7.97 -28.29 -16.40
C THR A 164 -7.61 -29.43 -15.45
N GLU A 165 -6.73 -29.14 -14.50
CA GLU A 165 -6.31 -30.12 -13.50
C GLU A 165 -6.67 -29.65 -12.10
N LYS A 166 -7.21 -30.57 -11.31
CA LYS A 166 -7.63 -30.29 -9.94
C LYS A 166 -6.62 -30.89 -8.95
N LYS A 167 -6.20 -30.10 -7.97
CA LYS A 167 -5.23 -30.56 -6.99
C LYS A 167 -5.87 -30.85 -5.64
N ALA A 168 -5.23 -31.72 -4.87
CA ALA A 168 -5.71 -32.06 -3.54
C ALA A 168 -5.23 -30.88 -2.72
N TRP A 169 -6.03 -30.44 -1.76
CA TRP A 169 -5.63 -29.30 -0.96
C TRP A 169 -4.28 -29.57 -0.28
N GLY A 170 -3.34 -28.64 -0.46
CA GLY A 170 -2.04 -28.78 0.14
C GLY A 170 -0.96 -29.29 -0.79
N SER A 171 -1.35 -29.93 -1.89
CA SER A 171 -0.38 -30.46 -2.84
C SER A 171 0.32 -29.36 -3.62
N SER A 172 1.38 -29.73 -4.33
CA SER A 172 2.14 -28.77 -5.12
C SER A 172 1.24 -28.06 -6.11
N VAL A 173 1.57 -26.80 -6.41
CA VAL A 173 0.79 -25.99 -7.34
C VAL A 173 1.19 -26.22 -8.79
N TYR A 174 2.31 -26.90 -9.00
CA TYR A 174 2.78 -27.15 -10.35
C TYR A 174 1.95 -28.17 -11.12
N ALA A 175 1.58 -27.82 -12.34
CA ALA A 175 0.78 -28.72 -13.17
C ALA A 175 1.56 -30.00 -13.44
N ASP A 176 0.85 -31.12 -13.54
CA ASP A 176 1.47 -32.40 -13.81
C ASP A 176 1.63 -32.48 -15.32
N PRO A 177 2.44 -33.42 -15.81
CA PRO A 177 2.64 -33.54 -17.26
C PRO A 177 1.32 -33.61 -18.03
N GLY A 178 1.15 -32.68 -18.96
CA GLY A 178 -0.05 -32.64 -19.78
C GLY A 178 -0.95 -31.47 -19.49
N TYR A 179 -0.74 -30.80 -18.36
CA TYR A 179 -1.57 -29.66 -17.98
C TYR A 179 -0.77 -28.37 -17.91
N ASP A 180 -1.45 -27.26 -17.68
CA ASP A 180 -0.81 -25.95 -17.59
C ASP A 180 -0.94 -25.39 -16.17
N ASN A 181 0.05 -24.59 -15.76
CA ASN A 181 0.03 -24.00 -14.42
C ASN A 181 -1.10 -23.00 -14.23
N SER A 182 -1.54 -22.40 -15.33
CA SER A 182 -2.62 -21.42 -15.29
C SER A 182 -3.96 -22.12 -15.20
N LEU A 183 -3.95 -23.43 -15.40
CA LEU A 183 -5.17 -24.21 -15.36
C LEU A 183 -5.17 -25.24 -14.23
N VAL A 184 -4.56 -24.87 -13.10
CA VAL A 184 -4.50 -25.74 -11.93
C VAL A 184 -5.43 -25.16 -10.87
N PHE A 185 -6.35 -25.96 -10.35
CA PHE A 185 -7.30 -25.47 -9.35
C PHE A 185 -7.38 -26.21 -8.04
N PHE A 186 -7.48 -25.46 -6.95
CA PHE A 186 -7.57 -26.05 -5.63
C PHE A 186 -8.98 -25.97 -5.05
N GLY A 187 -9.81 -25.06 -5.56
CA GLY A 187 -11.18 -24.98 -5.05
C GLY A 187 -11.55 -23.77 -4.24
N GLY A 188 -10.58 -22.93 -3.89
CA GLY A 188 -10.87 -21.74 -3.11
C GLY A 188 -12.00 -20.97 -3.77
N ASP A 189 -12.89 -20.39 -2.98
CA ASP A 189 -14.03 -19.65 -3.53
C ASP A 189 -14.55 -18.53 -2.61
N LEU A 190 -15.64 -17.87 -3.01
CA LEU A 190 -16.19 -16.77 -2.21
C LEU A 190 -16.86 -17.24 -0.94
N ALA A 191 -17.55 -18.38 -1.01
CA ALA A 191 -18.22 -18.93 0.16
C ALA A 191 -17.15 -19.23 1.20
N GLY A 192 -15.99 -19.69 0.71
CA GLY A 192 -14.89 -19.99 1.59
C GLY A 192 -14.47 -18.73 2.33
N ILE A 193 -14.31 -17.64 1.58
CA ILE A 193 -13.93 -16.36 2.16
C ILE A 193 -14.94 -15.93 3.22
N ASP A 194 -16.22 -16.09 2.91
CA ASP A 194 -17.29 -15.70 3.83
C ASP A 194 -17.24 -16.53 5.12
N GLN A 195 -17.04 -17.84 4.99
CA GLN A 195 -16.99 -18.71 6.16
C GLN A 195 -15.77 -18.47 7.04
N LYS A 196 -14.71 -17.94 6.45
CA LYS A 196 -13.51 -17.67 7.22
C LYS A 196 -13.38 -16.19 7.59
N LEU A 197 -14.47 -15.45 7.42
CA LEU A 197 -14.47 -14.03 7.73
C LEU A 197 -14.11 -13.80 9.21
N GLY A 198 -14.48 -14.75 10.06
CA GLY A 198 -14.17 -14.63 11.48
C GLY A 198 -12.67 -14.69 11.71
N TYR A 199 -11.99 -15.55 10.97
CA TYR A 199 -10.55 -15.66 11.11
C TYR A 199 -9.88 -14.33 10.74
N ILE A 200 -10.39 -13.71 9.67
CA ILE A 200 -9.87 -12.44 9.18
C ILE A 200 -10.05 -11.28 10.16
N LYS A 201 -11.31 -10.89 10.35
CA LYS A 201 -11.67 -9.76 11.21
C LYS A 201 -11.49 -9.94 12.73
N LYS A 202 -11.37 -11.17 13.21
CA LYS A 202 -11.22 -11.39 14.64
C LYS A 202 -9.90 -12.04 15.04
N THR A 203 -9.65 -13.25 14.58
CA THR A 203 -8.42 -13.95 14.92
C THR A 203 -7.21 -13.10 14.58
N LEU A 204 -7.31 -12.33 13.49
CA LEU A 204 -6.24 -11.44 13.06
C LEU A 204 -6.61 -10.00 13.37
N GLY A 205 -7.82 -9.59 13.00
CA GLY A 205 -8.25 -8.23 13.28
C GLY A 205 -8.33 -7.31 12.07
N ALA A 206 -7.93 -7.82 10.91
CA ALA A 206 -7.95 -7.05 9.68
C ALA A 206 -9.38 -6.61 9.33
N ASN A 207 -9.51 -5.40 8.77
CA ASN A 207 -10.83 -4.88 8.39
C ASN A 207 -10.98 -4.62 6.88
N ILE A 208 -9.91 -4.87 6.12
CA ILE A 208 -9.94 -4.66 4.67
C ILE A 208 -9.49 -5.90 3.92
N LEU A 209 -10.29 -6.34 2.94
CA LEU A 209 -9.92 -7.49 2.13
C LEU A 209 -9.72 -7.06 0.70
N TYR A 210 -8.64 -7.53 0.09
CA TYR A 210 -8.35 -7.22 -1.31
C TYR A 210 -8.25 -8.54 -2.06
N LEU A 211 -9.09 -8.70 -3.06
CA LEU A 211 -9.13 -9.93 -3.86
C LEU A 211 -8.49 -9.81 -5.21
N ASN A 212 -7.75 -10.84 -5.61
CA ASN A 212 -7.17 -10.85 -6.93
C ASN A 212 -8.43 -11.10 -7.78
N PRO A 213 -8.31 -11.03 -9.12
CA PRO A 213 -9.48 -11.25 -9.98
C PRO A 213 -10.51 -12.28 -9.49
N ILE A 214 -11.79 -11.95 -9.64
CA ILE A 214 -12.87 -12.86 -9.24
C ILE A 214 -13.94 -12.95 -10.34
N PHE A 215 -13.68 -12.36 -11.50
CA PHE A 215 -14.67 -12.39 -12.56
C PHE A 215 -14.41 -13.52 -13.57
N LYS A 216 -15.46 -13.85 -14.31
CA LYS A 216 -15.42 -14.91 -15.32
C LYS A 216 -14.17 -14.90 -16.21
N ALA A 217 -13.31 -15.91 -16.00
CA ALA A 217 -12.08 -16.05 -16.76
C ALA A 217 -11.64 -17.52 -16.68
N PRO A 218 -11.01 -18.05 -17.75
CA PRO A 218 -10.54 -19.43 -17.81
C PRO A 218 -9.34 -19.86 -16.94
N THR A 219 -8.41 -18.95 -16.65
CA THR A 219 -7.25 -19.30 -15.83
C THR A 219 -7.60 -19.35 -14.35
N ASN A 220 -6.60 -19.65 -13.51
CA ASN A 220 -6.83 -19.69 -12.07
C ASN A 220 -6.55 -18.35 -11.40
N HIS A 221 -5.79 -17.48 -12.07
CA HIS A 221 -5.50 -16.16 -11.53
C HIS A 221 -6.60 -15.22 -12.01
N LYS A 222 -7.09 -15.50 -13.22
CA LYS A 222 -8.18 -14.76 -13.84
C LYS A 222 -7.92 -13.35 -14.35
N TYR A 223 -6.67 -13.05 -14.68
CA TYR A 223 -6.34 -11.73 -15.22
C TYR A 223 -6.69 -11.68 -16.71
N ASP A 224 -7.17 -12.81 -17.23
CA ASP A 224 -7.58 -12.94 -18.62
C ASP A 224 -9.10 -12.90 -18.69
N THR A 225 -9.67 -11.81 -18.20
CA THR A 225 -11.13 -11.60 -18.12
C THR A 225 -11.95 -11.96 -19.34
N GLN A 226 -13.03 -12.69 -19.12
CA GLN A 226 -13.93 -13.11 -20.18
C GLN A 226 -15.25 -12.38 -20.01
N ASP A 227 -15.53 -11.94 -18.78
CA ASP A 227 -16.77 -11.21 -18.51
C ASP A 227 -16.70 -10.48 -17.18
N TYR A 228 -16.57 -9.17 -17.24
CA TYR A 228 -16.48 -8.35 -16.03
C TYR A 228 -17.78 -8.30 -15.24
N MET A 229 -18.90 -8.56 -15.92
CA MET A 229 -20.21 -8.50 -15.28
C MET A 229 -20.64 -9.76 -14.56
N ALA A 230 -19.85 -10.81 -14.65
CA ALA A 230 -20.19 -12.06 -13.95
C ALA A 230 -19.07 -12.60 -13.07
N VAL A 231 -19.44 -13.08 -11.89
CA VAL A 231 -18.46 -13.67 -11.00
C VAL A 231 -18.14 -15.01 -11.63
N ASP A 232 -16.88 -15.41 -11.58
CA ASP A 232 -16.53 -16.70 -12.17
C ASP A 232 -17.28 -17.82 -11.41
N PRO A 233 -17.99 -18.68 -12.16
CA PRO A 233 -18.77 -19.81 -11.61
C PRO A 233 -18.03 -20.63 -10.54
N ALA A 234 -16.71 -20.72 -10.68
CA ALA A 234 -15.89 -21.48 -9.74
C ALA A 234 -15.82 -20.78 -8.38
N PHE A 235 -16.06 -19.48 -8.34
CA PHE A 235 -16.02 -18.72 -7.08
C PHE A 235 -17.43 -18.47 -6.58
N GLY A 236 -18.41 -18.74 -7.43
CA GLY A 236 -19.80 -18.53 -7.09
C GLY A 236 -20.51 -17.69 -8.14
N ASP A 237 -21.59 -17.02 -7.76
CA ASP A 237 -22.31 -16.15 -8.69
C ASP A 237 -22.36 -14.76 -8.09
N ASN A 238 -22.94 -13.81 -8.80
CA ASN A 238 -23.00 -12.45 -8.29
C ASN A 238 -23.70 -12.39 -6.95
N SER A 239 -24.66 -13.27 -6.75
CA SER A 239 -25.41 -13.33 -5.51
C SER A 239 -24.45 -13.65 -4.36
N THR A 240 -23.51 -14.56 -4.62
CA THR A 240 -22.52 -14.94 -3.61
C THR A 240 -21.69 -13.72 -3.22
N LEU A 241 -21.37 -12.90 -4.21
CA LEU A 241 -20.59 -11.68 -3.98
C LEU A 241 -21.34 -10.77 -3.03
N GLN A 242 -22.63 -10.58 -3.29
CA GLN A 242 -23.45 -9.72 -2.45
C GLN A 242 -23.45 -10.17 -0.99
N THR A 243 -23.71 -11.45 -0.77
CA THR A 243 -23.71 -11.97 0.60
C THR A 243 -22.34 -11.72 1.24
N LEU A 244 -21.28 -11.96 0.47
CA LEU A 244 -19.92 -11.72 0.99
C LEU A 244 -19.72 -10.24 1.34
N ILE A 245 -20.10 -9.35 0.43
CA ILE A 245 -19.96 -7.92 0.69
C ILE A 245 -20.74 -7.54 1.95
N ASN A 246 -21.99 -8.03 2.04
CA ASN A 246 -22.80 -7.74 3.22
C ASN A 246 -22.09 -8.24 4.48
N ASP A 247 -21.57 -9.46 4.43
CA ASP A 247 -20.88 -10.05 5.57
C ASP A 247 -19.56 -9.33 5.89
N ILE A 248 -18.97 -8.66 4.90
CA ILE A 248 -17.74 -7.93 5.13
C ILE A 248 -18.06 -6.57 5.74
N HIS A 249 -19.10 -5.92 5.21
CA HIS A 249 -19.51 -4.61 5.70
C HIS A 249 -20.12 -4.71 7.07
N SER A 250 -20.61 -5.90 7.41
CA SER A 250 -21.25 -6.13 8.70
C SER A 250 -20.34 -5.91 9.91
N THR A 251 -20.91 -5.32 10.95
CA THR A 251 -20.16 -5.07 12.17
C THR A 251 -20.69 -6.00 13.24
N ALA A 252 -21.51 -6.97 12.82
CA ALA A 252 -22.07 -7.94 13.75
C ALA A 252 -21.15 -9.14 13.90
N ASN A 253 -20.12 -9.19 13.07
CA ASN A 253 -19.14 -10.28 13.09
C ASN A 253 -17.73 -9.74 13.32
N GLY A 254 -17.64 -8.49 13.77
CA GLY A 254 -16.35 -7.87 14.02
C GLY A 254 -16.31 -6.42 13.56
N PRO A 255 -15.11 -5.87 13.28
CA PRO A 255 -14.97 -4.49 12.83
C PRO A 255 -15.66 -4.30 11.49
N LYS A 256 -16.16 -3.10 11.21
CA LYS A 256 -16.80 -2.88 9.92
C LYS A 256 -15.72 -3.13 8.87
N GLY A 257 -16.07 -3.86 7.81
CA GLY A 257 -15.08 -4.17 6.79
C GLY A 257 -15.28 -3.52 5.45
N TYR A 258 -14.24 -3.54 4.62
CA TYR A 258 -14.27 -2.95 3.29
C TYR A 258 -13.71 -3.96 2.31
N LEU A 259 -14.30 -4.00 1.13
CA LEU A 259 -13.85 -4.93 0.10
C LEU A 259 -13.22 -4.16 -1.06
N ILE A 260 -12.05 -4.62 -1.50
CA ILE A 260 -11.36 -4.00 -2.61
C ILE A 260 -11.17 -5.03 -3.71
N LEU A 261 -11.64 -4.71 -4.91
CA LEU A 261 -11.53 -5.64 -6.03
C LEU A 261 -10.37 -5.34 -6.95
N ASP A 262 -9.95 -6.36 -7.68
CA ASP A 262 -8.87 -6.25 -8.63
C ASP A 262 -9.49 -5.84 -9.96
N GLY A 263 -9.11 -4.68 -10.47
CA GLY A 263 -9.63 -4.21 -11.74
C GLY A 263 -8.63 -4.37 -12.87
N VAL A 264 -8.80 -5.41 -13.68
CA VAL A 264 -7.89 -5.66 -14.80
C VAL A 264 -8.45 -4.94 -16.01
N PHE A 265 -8.19 -3.64 -16.08
CA PHE A 265 -8.73 -2.83 -17.17
C PHE A 265 -7.82 -2.53 -18.36
N ASN A 266 -6.54 -2.85 -18.26
CA ASN A 266 -5.63 -2.60 -19.37
C ASN A 266 -5.88 -3.54 -20.53
N HIS A 267 -6.23 -4.79 -20.21
CA HIS A 267 -6.48 -5.80 -21.23
C HIS A 267 -7.62 -6.71 -20.82
N THR A 268 -8.02 -7.53 -21.78
CA THR A 268 -9.07 -8.50 -21.60
C THR A 268 -8.43 -9.86 -21.87
N GLY A 269 -9.14 -10.93 -21.57
CA GLY A 269 -8.61 -12.24 -21.87
C GLY A 269 -8.90 -12.39 -23.35
N ASP A 270 -8.21 -13.29 -24.03
CA ASP A 270 -8.44 -13.48 -25.45
C ASP A 270 -9.72 -14.25 -25.73
N SER A 271 -10.36 -14.73 -24.67
CA SER A 271 -11.60 -15.49 -24.78
C SER A 271 -12.81 -14.65 -24.39
N HIS A 272 -12.62 -13.34 -24.28
CA HIS A 272 -13.72 -12.43 -23.94
C HIS A 272 -14.47 -12.21 -25.24
N PRO A 273 -15.80 -12.22 -25.21
CA PRO A 273 -16.63 -12.02 -26.41
C PRO A 273 -16.23 -10.84 -27.32
N TRP A 274 -15.74 -9.76 -26.73
CA TRP A 274 -15.32 -8.62 -27.54
C TRP A 274 -14.21 -9.03 -28.50
N PHE A 275 -13.43 -10.03 -28.09
CA PHE A 275 -12.31 -10.55 -28.88
C PHE A 275 -12.67 -11.91 -29.47
N ASP A 276 -13.17 -12.79 -28.62
CA ASP A 276 -13.61 -14.15 -28.99
C ASP A 276 -12.68 -14.87 -29.96
N LYS A 277 -11.43 -15.05 -29.56
CA LYS A 277 -10.45 -15.71 -30.41
C LYS A 277 -10.81 -17.16 -30.74
N TYR A 278 -11.34 -17.88 -29.77
CA TYR A 278 -11.69 -19.29 -29.99
C TYR A 278 -13.16 -19.51 -30.32
N ASN A 279 -13.87 -18.40 -30.56
CA ASN A 279 -15.28 -18.44 -30.91
C ASN A 279 -16.16 -19.22 -29.93
N ASN A 280 -16.19 -18.77 -28.68
CA ASN A 280 -17.00 -19.40 -27.65
C ASN A 280 -18.38 -18.78 -27.62
N PHE A 281 -18.60 -17.78 -28.47
CA PHE A 281 -19.89 -17.10 -28.49
C PHE A 281 -20.45 -16.90 -29.90
N SER A 282 -21.77 -16.93 -30.00
CA SER A 282 -22.45 -16.75 -31.29
C SER A 282 -22.12 -15.38 -31.90
N SER A 283 -21.96 -14.37 -31.05
CA SER A 283 -21.63 -13.02 -31.51
C SER A 283 -20.27 -13.04 -32.21
N GLN A 284 -19.95 -11.97 -32.92
CA GLN A 284 -18.66 -11.90 -33.60
C GLN A 284 -17.71 -10.93 -32.93
N GLY A 285 -16.57 -11.46 -32.45
CA GLY A 285 -15.58 -10.65 -31.77
C GLY A 285 -14.59 -9.98 -32.71
N ALA A 286 -13.80 -9.06 -32.17
CA ALA A 286 -12.81 -8.32 -32.96
C ALA A 286 -11.87 -9.23 -33.75
N TYR A 287 -11.50 -10.34 -33.13
CA TYR A 287 -10.60 -11.31 -33.77
C TYR A 287 -11.23 -12.04 -34.94
N GLU A 288 -12.53 -12.29 -34.88
CA GLU A 288 -13.21 -13.02 -35.93
C GLU A 288 -13.67 -12.15 -37.10
N SER A 289 -13.99 -10.89 -36.84
CA SER A 289 -14.48 -10.05 -37.92
C SER A 289 -14.14 -8.57 -37.78
N GLN A 290 -13.55 -8.01 -38.83
CA GLN A 290 -13.18 -6.60 -38.83
C GLN A 290 -14.45 -5.77 -38.89
N SER A 291 -15.58 -6.47 -38.99
CA SER A 291 -16.87 -5.80 -39.01
C SER A 291 -17.50 -5.95 -37.63
N SER A 292 -16.76 -6.55 -36.71
CA SER A 292 -17.24 -6.74 -35.35
C SER A 292 -17.60 -5.42 -34.71
N PRO A 293 -18.68 -5.40 -33.91
CA PRO A 293 -19.07 -4.17 -33.24
C PRO A 293 -18.05 -3.73 -32.18
N TRP A 294 -17.13 -4.63 -31.84
CA TRP A 294 -16.11 -4.34 -30.85
C TRP A 294 -14.71 -4.29 -31.48
N TYR A 295 -14.64 -4.28 -32.81
CA TYR A 295 -13.36 -4.25 -33.49
C TYR A 295 -12.43 -3.20 -32.91
N ASN A 296 -12.92 -1.97 -32.81
CA ASN A 296 -12.11 -0.86 -32.31
C ASN A 296 -11.78 -0.89 -30.82
N TYR A 297 -12.21 -1.92 -30.11
CA TYR A 297 -11.89 -2.02 -28.68
C TYR A 297 -10.45 -2.49 -28.55
N TYR A 298 -9.88 -2.97 -29.65
CA TYR A 298 -8.52 -3.45 -29.65
C TYR A 298 -7.70 -2.80 -30.75
N THR A 299 -6.41 -3.13 -30.78
CA THR A 299 -5.49 -2.60 -31.76
C THR A 299 -4.76 -3.75 -32.45
N PHE A 300 -4.91 -3.84 -33.77
CA PHE A 300 -4.25 -4.90 -34.53
C PHE A 300 -3.17 -4.31 -35.42
N TYR A 301 -2.04 -5.00 -35.51
CA TYR A 301 -0.95 -4.55 -36.36
C TYR A 301 -1.14 -5.29 -37.69
N THR A 302 -1.47 -6.56 -37.57
CA THR A 302 -1.73 -7.42 -38.72
C THR A 302 -2.88 -8.33 -38.29
N TRP A 303 -4.10 -7.92 -38.62
CA TRP A 303 -5.28 -8.68 -38.27
C TRP A 303 -5.28 -10.07 -38.93
N PRO A 304 -5.66 -11.10 -38.17
CA PRO A 304 -6.09 -11.03 -36.76
C PRO A 304 -5.07 -11.58 -35.78
N ASP A 305 -3.97 -12.12 -36.30
CA ASP A 305 -2.95 -12.75 -35.46
C ASP A 305 -1.96 -11.89 -34.68
N SER A 306 -1.67 -10.68 -35.16
CA SER A 306 -0.73 -9.83 -34.46
C SER A 306 -1.41 -8.57 -33.92
N TYR A 307 -1.50 -8.47 -32.60
CA TYR A 307 -2.15 -7.34 -31.96
C TYR A 307 -1.49 -6.86 -30.69
N ALA A 308 -1.93 -5.71 -30.19
CA ALA A 308 -1.38 -5.14 -28.96
C ALA A 308 -1.78 -6.05 -27.81
N SER A 309 -0.93 -6.10 -26.78
CA SER A 309 -1.21 -6.96 -25.65
C SER A 309 -0.43 -6.55 -24.42
N PHE A 310 -0.64 -7.30 -23.34
CA PHE A 310 0.07 -7.06 -22.11
C PHE A 310 1.41 -7.78 -22.19
N LEU A 311 2.49 -7.02 -22.30
CA LEU A 311 3.85 -7.56 -22.37
C LEU A 311 4.08 -8.75 -23.31
N GLY A 312 3.44 -8.73 -24.47
CA GLY A 312 3.62 -9.81 -25.43
C GLY A 312 2.78 -11.06 -25.31
N PHE A 313 2.02 -11.20 -24.23
CA PHE A 313 1.17 -12.38 -24.05
C PHE A 313 -0.08 -12.28 -24.94
N ASN A 314 -0.18 -13.18 -25.90
CA ASN A 314 -1.31 -13.20 -26.84
C ASN A 314 -2.65 -13.46 -26.20
N SER A 315 -2.65 -14.06 -25.00
CA SER A 315 -3.89 -14.37 -24.31
C SER A 315 -4.48 -13.13 -23.63
N LEU A 316 -3.71 -12.04 -23.61
CA LEU A 316 -4.16 -10.81 -22.98
C LEU A 316 -4.17 -9.58 -23.91
N PRO A 317 -5.08 -9.57 -24.90
CA PRO A 317 -5.20 -8.47 -25.86
C PRO A 317 -5.44 -7.12 -25.19
N LYS A 318 -4.62 -6.14 -25.56
CA LYS A 318 -4.70 -4.81 -24.98
C LYS A 318 -5.91 -4.00 -25.49
N LEU A 319 -6.60 -3.35 -24.55
CA LEU A 319 -7.76 -2.54 -24.85
C LEU A 319 -7.34 -1.15 -25.40
N ASN A 320 -8.09 -0.64 -26.38
CA ASN A 320 -7.78 0.66 -26.95
C ASN A 320 -8.76 1.70 -26.42
N TYR A 321 -8.27 2.53 -25.50
CA TYR A 321 -9.07 3.57 -24.86
C TYR A 321 -9.44 4.76 -25.73
N GLY A 322 -8.84 4.84 -26.91
CA GLY A 322 -9.11 5.94 -27.81
C GLY A 322 -9.09 7.28 -27.13
N ASN A 323 -10.05 8.14 -27.49
CA ASN A 323 -10.15 9.48 -26.91
C ASN A 323 -11.31 9.56 -25.95
N SER A 324 -11.32 10.63 -25.16
CA SER A 324 -12.39 10.87 -24.20
C SER A 324 -13.74 10.66 -24.87
N GLY A 325 -14.66 10.04 -24.14
CA GLY A 325 -15.98 9.78 -24.68
C GLY A 325 -16.05 8.51 -25.49
N SER A 326 -14.97 7.76 -25.56
CA SER A 326 -14.94 6.51 -26.33
C SER A 326 -15.83 5.44 -25.69
N ALA A 327 -16.17 4.42 -26.46
CA ALA A 327 -16.99 3.33 -25.97
C ALA A 327 -16.27 2.55 -24.87
N VAL A 328 -14.96 2.36 -25.04
CA VAL A 328 -14.15 1.64 -24.08
C VAL A 328 -14.09 2.32 -22.71
N ARG A 329 -13.83 3.63 -22.71
CA ARG A 329 -13.78 4.37 -21.46
C ARG A 329 -15.16 4.31 -20.81
N GLY A 330 -16.17 4.11 -21.65
CA GLY A 330 -17.53 4.03 -21.16
C GLY A 330 -17.82 2.70 -20.50
N VAL A 331 -17.39 1.60 -21.11
CA VAL A 331 -17.66 0.28 -20.55
C VAL A 331 -16.84 -0.03 -19.31
N ILE A 332 -15.68 0.63 -19.17
CA ILE A 332 -14.81 0.42 -18.01
C ILE A 332 -15.17 1.31 -16.83
N TYR A 333 -15.32 2.62 -17.07
CA TYR A 333 -15.64 3.53 -15.97
C TYR A 333 -16.65 4.67 -16.18
N ASN A 334 -16.83 5.14 -17.42
CA ASN A 334 -17.78 6.25 -17.62
C ASN A 334 -19.24 5.90 -17.48
N ASN A 335 -19.69 4.84 -18.15
CA ASN A 335 -21.09 4.44 -18.10
C ASN A 335 -21.50 4.08 -16.67
N SER A 336 -22.76 4.37 -16.35
CA SER A 336 -23.32 4.07 -15.04
C SER A 336 -23.30 2.56 -14.84
N ASN A 337 -23.45 1.83 -15.95
CA ASN A 337 -23.45 0.37 -15.92
C ASN A 337 -22.10 -0.18 -16.37
N SER A 338 -21.03 0.57 -16.10
CA SER A 338 -19.67 0.18 -16.44
C SER A 338 -19.15 -0.81 -15.40
N VAL A 339 -17.98 -1.37 -15.65
CA VAL A 339 -17.39 -2.32 -14.73
C VAL A 339 -17.10 -1.67 -13.37
N ALA A 340 -16.45 -0.51 -13.40
CA ALA A 340 -16.09 0.20 -12.19
C ALA A 340 -17.26 0.75 -11.39
N LYS A 341 -18.28 1.28 -12.08
CA LYS A 341 -19.43 1.83 -11.37
C LYS A 341 -20.47 0.79 -11.00
N THR A 342 -20.59 -0.26 -11.79
CA THR A 342 -21.56 -1.29 -11.48
C THR A 342 -21.28 -1.86 -10.09
N TYR A 343 -20.03 -2.22 -9.84
CA TYR A 343 -19.66 -2.81 -8.56
C TYR A 343 -19.54 -1.79 -7.43
N LEU A 344 -19.41 -0.52 -7.80
CA LEU A 344 -19.29 0.55 -6.82
C LEU A 344 -20.66 1.02 -6.34
N ASN A 345 -21.67 0.76 -7.15
CA ASN A 345 -23.06 1.13 -6.85
C ASN A 345 -23.83 -0.09 -6.36
N PRO A 346 -24.94 0.14 -5.64
CA PRO A 346 -25.73 -0.98 -5.15
C PRO A 346 -26.21 -1.84 -6.31
N PRO A 347 -26.58 -3.11 -6.03
CA PRO A 347 -26.59 -3.79 -4.74
C PRO A 347 -25.25 -4.44 -4.37
N TYR A 348 -24.16 -3.87 -4.86
CA TYR A 348 -22.82 -4.41 -4.58
C TYR A 348 -22.07 -3.49 -3.62
N SER A 349 -21.98 -2.21 -3.98
CA SER A 349 -21.28 -1.21 -3.17
C SER A 349 -19.92 -1.65 -2.65
N VAL A 350 -19.05 -2.14 -3.53
CA VAL A 350 -17.71 -2.53 -3.05
C VAL A 350 -17.03 -1.24 -2.64
N ASP A 351 -15.91 -1.34 -1.93
CA ASP A 351 -15.26 -0.14 -1.45
C ASP A 351 -14.05 0.38 -2.23
N GLY A 352 -13.65 -0.30 -3.29
CA GLY A 352 -12.50 0.18 -4.04
C GLY A 352 -11.92 -0.75 -5.10
N TRP A 353 -10.94 -0.26 -5.85
CA TRP A 353 -10.30 -1.05 -6.90
C TRP A 353 -8.76 -1.03 -6.86
N ARG A 354 -8.17 -2.13 -7.31
CA ARG A 354 -6.72 -2.31 -7.40
C ARG A 354 -6.50 -2.24 -8.91
N LEU A 355 -5.82 -1.19 -9.36
CA LEU A 355 -5.60 -1.01 -10.79
C LEU A 355 -4.44 -1.86 -11.32
N ASP A 356 -4.78 -3.01 -11.87
CA ASP A 356 -3.79 -3.92 -12.43
C ASP A 356 -3.15 -3.34 -13.69
N ALA A 357 -1.83 -3.48 -13.82
CA ALA A 357 -1.09 -2.99 -14.98
C ALA A 357 -1.53 -1.59 -15.38
N ALA A 358 -1.84 -0.77 -14.38
CA ALA A 358 -2.30 0.59 -14.58
C ALA A 358 -1.37 1.51 -15.38
N GLN A 359 -0.06 1.24 -15.35
CA GLN A 359 0.89 2.09 -16.07
C GLN A 359 0.78 1.97 -17.59
N TYR A 360 0.19 0.87 -18.07
CA TYR A 360 0.05 0.64 -19.50
C TYR A 360 -1.23 1.18 -20.14
N VAL A 361 -2.33 1.22 -19.39
CA VAL A 361 -3.60 1.72 -19.93
C VAL A 361 -3.34 2.90 -20.85
N ASP A 362 -3.74 2.76 -22.10
CA ASP A 362 -3.52 3.82 -23.08
C ASP A 362 -4.45 3.61 -24.26
N ALA A 363 -4.21 4.39 -25.32
CA ALA A 363 -5.00 4.32 -26.54
C ALA A 363 -4.11 3.84 -27.67
N ASN A 364 -4.74 3.40 -28.75
CA ASN A 364 -4.02 2.97 -29.95
C ASN A 364 -2.88 1.97 -29.81
N GLY A 365 -2.90 1.19 -28.74
CA GLY A 365 -1.87 0.20 -28.55
C GLY A 365 -0.57 0.68 -27.94
N ASN A 366 -0.52 1.94 -27.47
CA ASN A 366 0.70 2.45 -26.85
C ASN A 366 0.86 1.92 -25.42
N ASN A 367 2.04 2.06 -24.84
CA ASN A 367 2.28 1.53 -23.51
C ASN A 367 2.04 2.38 -22.27
N GLY A 368 1.36 3.50 -22.40
CA GLY A 368 1.10 4.33 -21.24
C GLY A 368 2.29 5.15 -20.75
N SER A 369 2.33 5.42 -19.44
CA SER A 369 3.41 6.22 -18.86
C SER A 369 3.55 7.50 -19.67
N ASP A 370 2.44 7.91 -20.29
CA ASP A 370 2.38 9.11 -21.09
C ASP A 370 1.16 9.95 -20.70
N VAL A 371 0.96 11.04 -21.43
CA VAL A 371 -0.14 11.97 -21.18
C VAL A 371 -1.52 11.34 -21.25
N THR A 372 -1.77 10.57 -22.32
CA THR A 372 -3.07 9.93 -22.48
C THR A 372 -3.39 9.02 -21.30
N ASN A 373 -2.39 8.25 -20.89
CA ASN A 373 -2.54 7.35 -19.76
C ASN A 373 -2.98 8.12 -18.51
N HIS A 374 -2.32 9.24 -18.24
CA HIS A 374 -2.67 10.04 -17.07
C HIS A 374 -4.00 10.75 -17.23
N GLN A 375 -4.33 11.14 -18.45
CA GLN A 375 -5.60 11.80 -18.70
C GLN A 375 -6.70 10.80 -18.35
N ILE A 376 -6.49 9.54 -18.75
CA ILE A 376 -7.45 8.47 -18.48
C ILE A 376 -7.67 8.21 -16.98
N TRP A 377 -6.60 8.11 -16.19
CA TRP A 377 -6.76 7.87 -14.75
C TRP A 377 -7.38 9.05 -14.01
N SER A 378 -7.44 10.20 -14.67
CA SER A 378 -8.03 11.41 -14.10
C SER A 378 -9.55 11.32 -14.29
N GLU A 379 -9.96 10.80 -15.43
CA GLU A 379 -11.39 10.66 -15.70
C GLU A 379 -11.87 9.52 -14.82
N PHE A 380 -11.01 8.52 -14.63
CA PHE A 380 -11.33 7.37 -13.80
C PHE A 380 -11.66 7.86 -12.39
N ARG A 381 -10.81 8.74 -11.84
CA ARG A 381 -11.05 9.24 -10.49
C ARG A 381 -12.37 10.03 -10.39
N ASN A 382 -12.69 10.84 -11.39
CA ASN A 382 -13.93 11.60 -11.35
C ASN A 382 -15.14 10.65 -11.37
N ALA A 383 -15.02 9.59 -12.17
CA ALA A 383 -16.08 8.59 -12.27
C ALA A 383 -16.28 7.90 -10.92
N VAL A 384 -15.19 7.32 -10.39
CA VAL A 384 -15.24 6.64 -9.11
C VAL A 384 -15.75 7.56 -8.00
N LYS A 385 -14.89 8.49 -7.59
CA LYS A 385 -15.23 9.44 -6.54
C LYS A 385 -16.59 10.10 -6.75
N GLY A 386 -17.07 10.08 -8.00
CA GLY A 386 -18.38 10.68 -8.28
C GLY A 386 -19.48 9.81 -7.70
N VAL A 387 -19.27 8.50 -7.76
CA VAL A 387 -20.23 7.54 -7.23
C VAL A 387 -20.11 7.39 -5.73
N ASN A 388 -18.88 7.43 -5.24
CA ASN A 388 -18.60 7.29 -3.81
C ASN A 388 -17.20 7.81 -3.51
N SER A 389 -17.14 9.00 -2.91
CA SER A 389 -15.88 9.67 -2.59
C SER A 389 -14.97 8.91 -1.62
N ASN A 390 -15.54 7.94 -0.91
CA ASN A 390 -14.74 7.15 0.03
C ASN A 390 -14.38 5.76 -0.52
N ALA A 391 -14.42 5.63 -1.84
CA ALA A 391 -14.06 4.40 -2.51
C ALA A 391 -12.61 4.58 -2.95
N ALA A 392 -11.73 3.74 -2.43
CA ALA A 392 -10.29 3.78 -2.71
C ALA A 392 -9.85 3.37 -4.11
N ILE A 393 -8.76 4.00 -4.57
CA ILE A 393 -8.16 3.72 -5.86
C ILE A 393 -6.65 3.51 -5.65
N ILE A 394 -6.24 2.24 -5.74
CA ILE A 394 -4.84 1.87 -5.53
C ILE A 394 -4.26 1.30 -6.82
N GLY A 395 -3.28 1.98 -7.40
CA GLY A 395 -2.70 1.48 -8.62
C GLY A 395 -1.51 0.55 -8.42
N GLU A 396 -1.29 -0.34 -9.38
CA GLU A 396 -0.16 -1.25 -9.28
C GLU A 396 1.01 -0.59 -9.97
N TYR A 397 2.15 -0.57 -9.30
CA TYR A 397 3.35 0.03 -9.85
C TYR A 397 4.50 -0.36 -8.94
N TRP A 398 5.60 -0.81 -9.55
CA TRP A 398 6.76 -1.27 -8.81
C TRP A 398 7.83 -0.22 -8.49
N GLY A 399 7.75 0.94 -9.13
CA GLY A 399 8.74 1.99 -8.86
C GLY A 399 8.14 3.17 -8.12
N ASN A 400 8.59 4.38 -8.48
CA ASN A 400 8.08 5.61 -7.88
C ASN A 400 6.76 5.96 -8.58
N ALA A 401 5.63 5.80 -7.90
CA ALA A 401 4.33 6.10 -8.49
C ALA A 401 3.91 7.55 -8.27
N ASN A 402 4.88 8.44 -8.22
CA ASN A 402 4.62 9.85 -8.03
C ASN A 402 3.82 10.44 -9.19
N PRO A 403 4.10 10.02 -10.44
CA PRO A 403 3.37 10.55 -11.60
C PRO A 403 1.87 10.35 -11.55
N TRP A 404 1.44 9.31 -10.85
CA TRP A 404 0.02 8.97 -10.74
C TRP A 404 -0.64 9.36 -9.42
N THR A 405 0.08 10.08 -8.57
CA THR A 405 -0.48 10.42 -7.27
C THR A 405 -0.20 11.84 -6.79
N ALA A 406 0.96 12.35 -7.14
CA ALA A 406 1.42 13.66 -6.71
C ALA A 406 0.62 14.90 -7.13
N GLN A 407 -0.51 14.74 -7.80
CA GLN A 407 -1.31 15.91 -8.18
C GLN A 407 -2.74 15.79 -7.72
N GLY A 408 -3.00 14.80 -6.88
CA GLY A 408 -4.34 14.57 -6.35
C GLY A 408 -5.46 14.44 -7.35
N ASN A 409 -5.13 14.01 -8.57
CA ASN A 409 -6.14 13.87 -9.60
C ASN A 409 -6.22 12.47 -10.20
N GLN A 410 -5.46 11.53 -9.66
CA GLN A 410 -5.53 10.16 -10.16
C GLN A 410 -5.77 9.09 -9.08
N TRP A 411 -4.72 8.44 -8.59
CA TRP A 411 -4.93 7.38 -7.59
C TRP A 411 -4.76 7.88 -6.17
N ASP A 412 -5.35 7.16 -5.22
CA ASP A 412 -5.22 7.51 -3.82
C ASP A 412 -3.87 7.01 -3.31
N ALA A 413 -3.41 5.88 -3.87
CA ALA A 413 -2.13 5.30 -3.46
C ALA A 413 -1.62 4.29 -4.49
N ALA A 414 -0.67 3.46 -4.08
CA ALA A 414 -0.09 2.46 -4.96
C ALA A 414 0.56 1.28 -4.22
N THR A 415 0.81 0.21 -4.95
CA THR A 415 1.48 -0.97 -4.41
C THR A 415 2.90 -0.50 -4.05
N ASN A 416 3.19 -0.41 -2.77
CA ASN A 416 4.49 0.08 -2.31
C ASN A 416 5.68 -0.86 -2.42
N PHE A 417 5.93 -1.40 -3.60
CA PHE A 417 7.09 -2.29 -3.77
C PHE A 417 8.40 -1.59 -3.41
N ASP A 418 8.60 -0.41 -4.01
CA ASP A 418 9.82 0.36 -3.82
C ASP A 418 9.98 1.08 -2.47
N GLY A 419 8.87 1.46 -1.84
CA GLY A 419 8.97 2.15 -0.57
C GLY A 419 8.79 1.27 0.65
N PHE A 420 8.42 0.02 0.46
CA PHE A 420 8.20 -0.88 1.60
C PHE A 420 8.76 -2.29 1.43
N THR A 421 8.21 -3.01 0.45
CA THR A 421 8.59 -4.39 0.19
C THR A 421 10.06 -4.64 -0.09
N GLN A 422 10.66 -3.85 -0.97
CA GLN A 422 12.07 -4.06 -1.30
C GLN A 422 12.99 -3.68 -0.15
N PRO A 423 12.85 -2.47 0.39
CA PRO A 423 13.74 -2.10 1.49
C PRO A 423 13.65 -3.08 2.68
N VAL A 424 12.45 -3.54 3.01
CA VAL A 424 12.29 -4.48 4.12
C VAL A 424 12.99 -5.81 3.82
N SER A 425 12.72 -6.36 2.64
CA SER A 425 13.32 -7.61 2.23
C SER A 425 14.83 -7.60 2.33
N GLU A 426 15.45 -6.58 1.73
CA GLU A 426 16.91 -6.47 1.73
C GLU A 426 17.51 -6.25 3.13
N TRP A 427 16.80 -5.54 4.00
CA TRP A 427 17.29 -5.27 5.35
C TRP A 427 17.22 -6.50 6.28
N ILE A 428 16.07 -7.18 6.30
CA ILE A 428 15.87 -8.34 7.17
C ILE A 428 16.40 -9.69 6.64
N THR A 429 16.12 -10.00 5.38
CA THR A 429 16.54 -11.27 4.78
C THR A 429 17.80 -11.17 3.94
N GLY A 430 18.23 -9.95 3.65
CA GLY A 430 19.43 -9.78 2.85
C GLY A 430 19.23 -10.18 1.40
N LYS A 431 17.98 -10.24 0.96
CA LYS A 431 17.63 -10.58 -0.41
C LYS A 431 16.63 -9.55 -0.93
N ASP A 432 16.50 -9.42 -2.24
CA ASP A 432 15.50 -8.52 -2.78
C ASP A 432 14.21 -9.35 -2.81
N TYR A 433 13.09 -8.78 -3.25
CA TYR A 433 11.86 -9.57 -3.22
C TYR A 433 11.77 -10.71 -4.25
N GLN A 434 12.82 -10.89 -5.05
CA GLN A 434 12.83 -11.99 -6.02
C GLN A 434 13.87 -13.01 -5.57
N ASN A 435 14.30 -12.86 -4.32
CA ASN A 435 15.26 -13.73 -3.65
C ASN A 435 16.67 -13.73 -4.23
N ASN A 436 17.14 -12.56 -4.64
CA ASN A 436 18.50 -12.42 -5.15
C ASN A 436 19.27 -11.68 -4.08
N SER A 437 20.56 -11.99 -3.95
CA SER A 437 21.40 -11.37 -2.93
C SER A 437 21.44 -9.85 -3.02
N ALA A 438 20.93 -9.22 -1.97
CA ALA A 438 20.88 -7.76 -1.88
C ALA A 438 20.63 -7.39 -0.42
N SER A 439 21.67 -6.88 0.23
CA SER A 439 21.58 -6.50 1.63
C SER A 439 21.85 -5.03 1.89
N ILE A 440 21.23 -4.48 2.94
CA ILE A 440 21.43 -3.09 3.30
C ILE A 440 21.53 -2.97 4.81
N SER A 441 22.30 -1.97 5.26
CA SER A 441 22.49 -1.75 6.69
C SER A 441 21.31 -0.98 7.25
N THR A 442 21.30 -0.78 8.56
CA THR A 442 20.22 -0.05 9.19
C THR A 442 20.23 1.39 8.66
N THR A 443 21.39 2.04 8.67
CA THR A 443 21.50 3.40 8.18
C THR A 443 20.92 3.52 6.76
N GLN A 444 21.34 2.59 5.90
CA GLN A 444 20.90 2.55 4.50
C GLN A 444 19.40 2.33 4.39
N PHE A 445 18.89 1.48 5.27
CA PHE A 445 17.47 1.15 5.31
C PHE A 445 16.62 2.38 5.68
N ASP A 446 17.05 3.11 6.71
CA ASP A 446 16.34 4.30 7.15
C ASP A 446 16.33 5.38 6.08
N SER A 447 17.43 5.49 5.35
CA SER A 447 17.54 6.47 4.28
C SER A 447 16.60 6.07 3.13
N TRP A 448 16.69 4.81 2.72
CA TRP A 448 15.85 4.27 1.65
C TRP A 448 14.39 4.62 1.92
N LEU A 449 13.95 4.34 3.15
CA LEU A 449 12.57 4.61 3.53
C LEU A 449 12.20 6.08 3.45
N ARG A 450 13.10 6.95 3.90
CA ARG A 450 12.81 8.39 3.89
C ARG A 450 12.71 8.94 2.47
N GLY A 451 13.60 8.48 1.59
CA GLY A 451 13.59 8.95 0.22
C GLY A 451 12.35 8.56 -0.54
N THR A 452 11.87 7.34 -0.32
CA THR A 452 10.68 6.86 -1.01
C THR A 452 9.42 7.42 -0.35
N ARG A 453 9.51 7.70 0.93
CA ARG A 453 8.37 8.26 1.63
C ARG A 453 8.16 9.67 1.09
N ALA A 454 9.27 10.36 0.80
CA ALA A 454 9.22 11.73 0.29
C ALA A 454 8.71 11.86 -1.15
N ASN A 455 8.56 10.74 -1.84
CA ASN A 455 8.07 10.76 -3.21
C ASN A 455 6.59 11.07 -3.25
N TYR A 456 5.93 10.94 -2.11
CA TYR A 456 4.48 11.12 -2.08
C TYR A 456 3.89 12.11 -1.11
N PRO A 457 2.65 12.57 -1.42
CA PRO A 457 1.92 13.51 -0.57
C PRO A 457 1.72 12.71 0.73
N THR A 458 1.57 13.40 1.85
CA THR A 458 1.40 12.69 3.11
C THR A 458 0.23 11.70 3.12
N ASN A 459 -0.95 12.12 2.63
CA ASN A 459 -2.11 11.22 2.64
C ASN A 459 -1.91 10.01 1.74
N VAL A 460 -1.03 10.12 0.76
CA VAL A 460 -0.75 9.01 -0.15
C VAL A 460 0.15 8.02 0.60
N GLN A 461 1.09 8.56 1.36
CA GLN A 461 1.98 7.76 2.16
C GLN A 461 1.18 6.87 3.12
N GLN A 462 0.22 7.49 3.80
CA GLN A 462 -0.61 6.80 4.77
C GLN A 462 -1.54 5.77 4.16
N SER A 463 -1.68 5.84 2.83
CA SER A 463 -2.56 4.93 2.12
C SER A 463 -1.84 3.89 1.27
N MET A 464 -0.51 3.94 1.25
CA MET A 464 0.28 3.00 0.45
C MET A 464 0.02 1.56 0.87
N MET A 465 -0.04 0.66 -0.11
CA MET A 465 -0.28 -0.76 0.16
C MET A 465 1.05 -1.42 0.54
N ASN A 466 1.28 -1.57 1.84
CA ASN A 466 2.52 -2.15 2.35
C ASN A 466 2.44 -3.66 2.64
N PHE A 467 2.99 -4.47 1.74
CA PHE A 467 2.99 -5.90 1.94
C PHE A 467 4.39 -6.49 1.95
N LEU A 468 4.56 -7.58 2.69
CA LEU A 468 5.83 -8.26 2.79
C LEU A 468 6.02 -9.15 1.57
N SER A 469 4.90 -9.60 1.02
CA SER A 469 4.90 -10.47 -0.15
C SER A 469 3.61 -10.27 -0.92
N ASN A 470 3.56 -10.79 -2.13
CA ASN A 470 2.35 -10.71 -2.93
C ASN A 470 2.40 -11.76 -4.05
N HIS A 471 1.32 -11.88 -4.79
CA HIS A 471 1.22 -12.88 -5.85
C HIS A 471 2.20 -12.81 -7.01
N ASP A 472 3.07 -11.81 -7.02
CA ASP A 472 4.03 -11.70 -8.12
C ASP A 472 5.48 -11.81 -7.67
N ILE A 473 5.73 -11.89 -6.38
CA ILE A 473 7.10 -12.01 -5.89
C ILE A 473 7.27 -13.15 -4.91
N THR A 474 8.51 -13.56 -4.68
CA THR A 474 8.77 -14.66 -3.78
C THR A 474 8.26 -14.35 -2.37
N ARG A 475 7.96 -15.40 -1.62
CA ARG A 475 7.47 -15.26 -0.26
C ARG A 475 8.58 -14.86 0.70
N PHE A 476 8.22 -14.07 1.71
CA PHE A 476 9.17 -13.61 2.71
C PHE A 476 9.78 -14.78 3.49
N ALA A 477 8.96 -15.78 3.80
CA ALA A 477 9.43 -16.95 4.55
C ALA A 477 10.53 -17.69 3.81
N THR A 478 10.43 -17.71 2.49
CA THR A 478 11.42 -18.37 1.66
C THR A 478 12.68 -17.52 1.61
N ARG A 479 12.50 -16.20 1.45
CA ARG A 479 13.63 -15.28 1.41
C ARG A 479 14.34 -15.28 2.78
N SER A 480 13.59 -15.62 3.82
CA SER A 480 14.11 -15.66 5.19
C SER A 480 14.87 -16.95 5.47
N GLY A 481 14.79 -17.90 4.54
CA GLY A 481 15.45 -19.17 4.74
C GLY A 481 14.68 -20.03 5.73
N GLY A 482 13.48 -19.57 6.09
CA GLY A 482 12.66 -20.31 7.04
C GLY A 482 12.73 -19.77 8.45
N ASP A 483 13.66 -18.86 8.69
CA ASP A 483 13.84 -18.27 10.01
C ASP A 483 12.58 -17.49 10.37
N LEU A 484 11.72 -18.11 11.16
CA LEU A 484 10.47 -17.48 11.56
C LEU A 484 10.71 -16.19 12.33
N TRP A 485 11.88 -16.05 12.93
CA TRP A 485 12.18 -14.84 13.70
C TRP A 485 12.24 -13.60 12.78
N LYS A 486 12.76 -13.78 11.57
CA LYS A 486 12.83 -12.67 10.63
C LYS A 486 11.41 -12.21 10.28
N THR A 487 10.46 -13.15 10.33
CA THR A 487 9.07 -12.83 10.05
C THR A 487 8.52 -11.98 11.21
N TYR A 488 8.99 -12.27 12.42
CA TYR A 488 8.56 -11.52 13.61
C TYR A 488 8.94 -10.05 13.45
N LEU A 489 10.23 -9.80 13.20
CA LEU A 489 10.69 -8.43 13.02
C LEU A 489 9.93 -7.74 11.89
N ALA A 490 9.75 -8.45 10.78
CA ALA A 490 9.04 -7.92 9.62
C ALA A 490 7.64 -7.48 9.99
N LEU A 491 6.93 -8.31 10.74
CA LEU A 491 5.57 -8.01 11.16
C LEU A 491 5.53 -6.77 12.05
N ILE A 492 6.33 -6.82 13.12
CA ILE A 492 6.42 -5.72 14.07
C ILE A 492 6.65 -4.41 13.34
N PHE A 493 7.53 -4.43 12.36
CA PHE A 493 7.82 -3.23 11.59
C PHE A 493 6.58 -2.83 10.80
N GLN A 494 6.13 -3.74 9.94
CA GLN A 494 4.97 -3.50 9.09
C GLN A 494 3.77 -2.88 9.81
N MET A 495 3.53 -3.29 11.05
CA MET A 495 2.37 -2.79 11.77
C MET A 495 2.59 -1.47 12.47
N THR A 496 3.82 -0.96 12.42
CA THR A 496 4.12 0.31 13.06
C THR A 496 4.66 1.37 12.11
N TYR A 497 4.70 1.06 10.81
CA TYR A 497 5.19 2.00 9.81
C TYR A 497 4.07 2.83 9.19
N VAL A 498 4.46 3.75 8.31
CA VAL A 498 3.54 4.65 7.60
C VAL A 498 2.97 3.92 6.39
N GLY A 499 1.66 3.77 6.37
CA GLY A 499 1.01 3.08 5.26
C GLY A 499 0.11 1.95 5.72
N THR A 500 -0.78 1.52 4.83
CA THR A 500 -1.71 0.43 5.13
C THR A 500 -1.04 -0.91 5.23
N PRO A 501 -0.91 -1.46 6.46
CA PRO A 501 -0.27 -2.77 6.60
C PRO A 501 -1.09 -3.76 5.80
N THR A 502 -0.45 -4.46 4.87
CA THR A 502 -1.15 -5.42 4.02
C THR A 502 -0.58 -6.85 4.12
N ILE A 503 -1.42 -7.77 4.62
CA ILE A 503 -1.05 -9.17 4.81
C ILE A 503 -1.39 -10.05 3.59
N TYR A 504 -0.37 -10.62 2.97
CA TYR A 504 -0.56 -11.51 1.84
C TYR A 504 -0.87 -12.87 2.48
N TYR A 505 -2.12 -13.31 2.36
CA TYR A 505 -2.58 -14.56 2.97
C TYR A 505 -1.49 -15.62 3.11
N GLY A 506 -1.27 -16.08 4.34
CA GLY A 506 -0.27 -17.09 4.59
C GLY A 506 1.01 -16.57 5.20
N ASP A 507 1.28 -15.29 4.98
CA ASP A 507 2.49 -14.66 5.51
C ASP A 507 2.42 -14.51 7.02
N GLU A 508 1.21 -14.37 7.56
CA GLU A 508 1.03 -14.20 8.98
C GLU A 508 1.47 -15.42 9.79
N TYR A 509 1.57 -16.58 9.15
CA TYR A 509 2.01 -17.78 9.85
C TYR A 509 3.37 -18.28 9.38
N GLY A 510 3.91 -17.66 8.33
CA GLY A 510 5.22 -18.05 7.84
C GLY A 510 5.25 -18.90 6.59
N MET A 511 4.22 -18.79 5.75
CA MET A 511 4.19 -19.58 4.53
C MET A 511 5.35 -19.30 3.60
N GLN A 512 5.83 -20.34 2.93
CA GLN A 512 6.94 -20.20 1.99
C GLN A 512 6.45 -20.31 0.56
N GLY A 513 7.37 -20.13 -0.39
CA GLY A 513 7.01 -20.20 -1.79
C GLY A 513 7.93 -19.37 -2.64
N GLY A 514 8.28 -19.89 -3.82
CA GLY A 514 9.17 -19.18 -4.71
C GLY A 514 8.45 -18.29 -5.70
N ALA A 515 8.95 -18.26 -6.94
CA ALA A 515 8.36 -17.45 -7.98
C ALA A 515 7.05 -18.06 -8.50
N ASP A 516 6.22 -17.19 -9.09
CA ASP A 516 4.94 -17.58 -9.67
C ASP A 516 5.11 -18.90 -10.42
N PRO A 517 4.21 -19.87 -10.19
CA PRO A 517 3.04 -19.86 -9.31
C PRO A 517 3.24 -20.37 -7.88
N ASP A 518 4.47 -20.76 -7.53
CA ASP A 518 4.72 -21.29 -6.20
C ASP A 518 4.54 -20.32 -5.04
N ASN A 519 4.18 -19.07 -5.34
CA ASN A 519 3.94 -18.08 -4.29
C ASN A 519 2.44 -17.94 -4.08
N ARG A 520 1.68 -18.84 -4.71
CA ARG A 520 0.24 -18.84 -4.60
C ARG A 520 -0.28 -20.17 -4.07
N ARG A 521 0.44 -20.74 -3.11
CA ARG A 521 0.09 -22.03 -2.51
C ARG A 521 -1.22 -22.00 -1.74
N SER A 522 -1.81 -23.19 -1.57
CA SER A 522 -3.06 -23.32 -0.84
C SER A 522 -2.78 -22.99 0.62
N PHE A 523 -3.77 -22.43 1.30
CA PHE A 523 -3.62 -22.03 2.70
C PHE A 523 -3.69 -23.24 3.65
N ASP A 524 -2.66 -23.39 4.49
CA ASP A 524 -2.59 -24.48 5.44
C ASP A 524 -3.31 -24.06 6.71
N TRP A 525 -4.57 -24.43 6.83
CA TRP A 525 -5.38 -24.05 7.97
C TRP A 525 -5.07 -24.64 9.35
N SER A 526 -4.14 -25.58 9.41
CA SER A 526 -3.77 -26.15 10.70
C SER A 526 -2.78 -25.20 11.35
N GLN A 527 -2.22 -24.30 10.54
CA GLN A 527 -1.26 -23.34 11.01
C GLN A 527 -1.94 -21.99 11.27
N ALA A 528 -3.19 -21.85 10.82
CA ALA A 528 -3.94 -20.60 10.98
C ALA A 528 -4.66 -20.49 12.32
N THR A 529 -3.89 -20.45 13.40
CA THR A 529 -4.45 -20.35 14.75
C THR A 529 -3.45 -19.65 15.67
N PRO A 530 -3.92 -19.08 16.79
CA PRO A 530 -3.01 -18.39 17.72
C PRO A 530 -1.97 -19.31 18.35
N SER A 531 -1.99 -20.58 17.96
CA SER A 531 -1.03 -21.53 18.50
C SER A 531 0.27 -21.37 17.74
N ASN A 532 0.21 -20.59 16.66
CA ASN A 532 1.37 -20.30 15.83
C ASN A 532 1.94 -19.00 16.39
N SER A 533 3.24 -18.98 16.63
CA SER A 533 3.89 -17.79 17.18
C SER A 533 3.68 -16.57 16.30
N ALA A 534 3.82 -16.75 14.99
CA ALA A 534 3.65 -15.65 14.04
C ALA A 534 2.22 -15.12 14.03
N VAL A 535 1.27 -16.03 13.95
CA VAL A 535 -0.13 -15.65 13.92
C VAL A 535 -0.49 -14.83 15.16
N ALA A 536 0.01 -15.26 16.31
CA ALA A 536 -0.27 -14.58 17.58
C ALA A 536 0.22 -13.14 17.61
N LEU A 537 1.45 -12.93 17.14
CA LEU A 537 2.06 -11.61 17.10
C LEU A 537 1.28 -10.69 16.16
N THR A 538 0.93 -11.23 14.98
CA THR A 538 0.18 -10.51 13.96
C THR A 538 -1.03 -9.87 14.61
N GLN A 539 -1.80 -10.71 15.31
CA GLN A 539 -2.99 -10.27 16.00
C GLN A 539 -2.64 -9.28 17.08
N LYS A 540 -1.58 -9.58 17.82
CA LYS A 540 -1.12 -8.71 18.90
C LYS A 540 -0.85 -7.33 18.30
N LEU A 541 -0.04 -7.33 17.24
CA LEU A 541 0.34 -6.12 16.52
C LEU A 541 -0.87 -5.35 15.97
N ILE A 542 -1.73 -6.03 15.21
CA ILE A 542 -2.91 -5.39 14.64
C ILE A 542 -3.71 -4.67 15.73
N THR A 543 -3.93 -5.35 16.84
CA THR A 543 -4.66 -4.78 17.95
C THR A 543 -3.99 -3.50 18.40
N ILE A 544 -2.66 -3.54 18.44
CA ILE A 544 -1.88 -2.38 18.87
C ILE A 544 -2.02 -1.19 17.92
N ARG A 545 -1.95 -1.44 16.62
CA ARG A 545 -2.08 -0.37 15.63
C ARG A 545 -3.45 0.28 15.72
N ASN A 546 -4.49 -0.53 15.83
CA ASN A 546 -5.86 -0.03 15.93
C ASN A 546 -6.09 0.76 17.21
N GLN A 547 -5.22 0.57 18.18
CA GLN A 547 -5.34 1.25 19.45
C GLN A 547 -4.76 2.67 19.41
N TYR A 548 -3.75 2.89 18.56
CA TYR A 548 -3.12 4.19 18.49
C TYR A 548 -3.15 4.88 17.13
N PRO A 549 -3.88 6.00 17.03
CA PRO A 549 -3.95 6.72 15.74
C PRO A 549 -2.54 7.14 15.33
N ALA A 550 -1.70 7.41 16.31
CA ALA A 550 -0.33 7.85 16.10
C ALA A 550 0.47 6.91 15.20
N LEU A 551 0.06 5.65 15.12
CA LEU A 551 0.76 4.67 14.29
C LEU A 551 0.25 4.66 12.86
N ARG A 552 -0.96 5.19 12.64
CA ARG A 552 -1.55 5.22 11.30
C ARG A 552 -1.41 6.59 10.65
N THR A 553 -1.51 7.64 11.44
CA THR A 553 -1.45 8.99 10.90
C THR A 553 -0.55 9.95 11.66
N GLY A 554 0.24 9.42 12.59
CA GLY A 554 1.13 10.27 13.36
C GLY A 554 2.38 10.63 12.57
N SER A 555 3.30 11.34 13.20
CA SER A 555 4.54 11.71 12.55
C SER A 555 5.50 10.52 12.64
N PHE A 556 6.61 10.61 11.91
CA PHE A 556 7.62 9.57 11.93
C PHE A 556 8.98 10.25 12.10
N MET A 557 9.68 9.91 13.17
CA MET A 557 10.99 10.50 13.43
C MET A 557 11.99 9.38 13.70
N THR A 558 13.11 9.41 12.99
CA THR A 558 14.13 8.40 13.21
C THR A 558 14.80 8.68 14.56
N LEU A 559 15.02 7.64 15.34
CA LEU A 559 15.65 7.80 16.65
C LEU A 559 17.02 7.14 16.73
N ILE A 560 17.14 5.96 16.13
CA ILE A 560 18.41 5.22 16.15
C ILE A 560 18.67 4.47 14.85
N THR A 561 19.92 4.50 14.40
CA THR A 561 20.33 3.78 13.19
C THR A 561 21.77 3.34 13.48
N ASP A 562 21.86 2.26 14.25
CA ASP A 562 23.13 1.69 14.67
C ASP A 562 23.52 0.50 13.82
N ASP A 563 24.58 0.66 13.03
CA ASP A 563 25.05 -0.41 12.15
C ASP A 563 25.94 -1.44 12.86
N THR A 564 26.40 -1.10 14.06
CA THR A 564 27.24 -2.01 14.82
C THR A 564 26.36 -3.13 15.41
N ASN A 565 25.39 -2.72 16.21
CA ASN A 565 24.48 -3.67 16.86
C ASN A 565 23.25 -3.99 16.01
N LYS A 566 23.14 -3.33 14.85
CA LYS A 566 22.03 -3.54 13.93
C LYS A 566 20.67 -3.16 14.52
N ILE A 567 20.65 -2.10 15.32
CA ILE A 567 19.41 -1.62 15.95
C ILE A 567 18.78 -0.43 15.23
N TYR A 568 17.48 -0.51 15.00
CA TYR A 568 16.74 0.56 14.33
C TYR A 568 15.58 1.00 15.21
N SER A 569 15.59 2.26 15.62
CA SER A 569 14.51 2.77 16.46
C SER A 569 13.91 4.07 15.90
N TYR A 570 12.59 4.10 15.80
CA TYR A 570 11.88 5.28 15.30
C TYR A 570 10.66 5.54 16.17
N GLY A 571 10.11 6.73 16.02
CA GLY A 571 8.94 7.09 16.80
C GLY A 571 7.74 7.51 15.98
N ARG A 572 6.56 7.13 16.46
CA ARG A 572 5.31 7.49 15.82
C ARG A 572 4.60 8.30 16.88
N PHE A 573 4.15 9.50 16.54
CA PHE A 573 3.50 10.33 17.55
C PHE A 573 2.60 11.42 17.00
N ASP A 574 1.64 11.81 17.85
CA ASP A 574 0.66 12.84 17.54
C ASP A 574 0.36 13.62 18.81
N ASN A 575 -0.81 14.26 18.86
CA ASN A 575 -1.23 15.05 20.01
C ASN A 575 -1.54 14.25 21.27
N VAL A 576 -1.88 12.98 21.11
CA VAL A 576 -2.23 12.12 22.24
C VAL A 576 -1.10 11.21 22.73
N ASN A 577 -0.52 10.42 21.83
CA ASN A 577 0.53 9.50 22.20
C ASN A 577 1.91 9.72 21.58
N ARG A 578 2.87 9.02 22.17
CA ARG A 578 4.25 9.05 21.73
C ARG A 578 4.66 7.59 21.79
N ILE A 579 5.02 7.03 20.63
CA ILE A 579 5.40 5.63 20.56
C ILE A 579 6.83 5.45 20.08
N ALA A 580 7.66 4.84 20.92
CA ALA A 580 9.04 4.58 20.53
C ALA A 580 9.12 3.12 20.11
N VAL A 581 9.49 2.89 18.85
CA VAL A 581 9.61 1.52 18.36
C VAL A 581 11.10 1.22 18.29
N VAL A 582 11.50 0.10 18.88
CA VAL A 582 12.90 -0.32 18.89
C VAL A 582 12.97 -1.68 18.18
N LEU A 583 13.80 -1.78 17.15
CA LEU A 583 13.90 -3.03 16.42
C LEU A 583 15.32 -3.58 16.43
N ASN A 584 15.43 -4.89 16.62
CA ASN A 584 16.73 -5.55 16.65
C ASN A 584 16.83 -6.47 15.44
N ASN A 585 17.70 -6.12 14.50
CA ASN A 585 17.88 -6.93 13.30
C ASN A 585 19.14 -7.79 13.40
N ASP A 586 19.67 -7.91 14.62
CA ASP A 586 20.86 -8.73 14.85
C ASP A 586 20.39 -10.12 15.24
N SER A 587 21.30 -11.08 15.31
CA SER A 587 20.94 -12.43 15.68
C SER A 587 21.28 -12.68 17.14
N VAL A 588 21.53 -11.59 17.87
CA VAL A 588 21.83 -11.65 19.30
C VAL A 588 21.05 -10.54 20.00
N SER A 589 20.88 -10.66 21.30
CA SER A 589 20.13 -9.70 22.10
C SER A 589 20.91 -8.40 22.31
N HIS A 590 20.19 -7.31 22.57
CA HIS A 590 20.81 -6.02 22.80
C HIS A 590 20.01 -5.15 23.76
N THR A 591 20.73 -4.39 24.59
CA THR A 591 20.09 -3.50 25.53
C THR A 591 20.21 -2.12 24.89
N VAL A 592 19.08 -1.48 24.64
CA VAL A 592 19.07 -0.19 23.98
C VAL A 592 18.61 0.96 24.83
N ASN A 593 19.40 2.03 24.86
CA ASN A 593 19.00 3.22 25.58
C ASN A 593 18.26 4.03 24.53
N VAL A 594 16.93 3.99 24.62
CA VAL A 594 16.09 4.69 23.68
C VAL A 594 15.92 6.13 24.14
N PRO A 595 16.36 7.09 23.31
CA PRO A 595 16.29 8.54 23.57
C PRO A 595 14.91 9.11 23.37
N VAL A 596 13.97 8.70 24.22
CA VAL A 596 12.58 9.15 24.12
C VAL A 596 12.39 10.65 24.31
N TRP A 597 13.44 11.37 24.68
CA TRP A 597 13.29 12.80 24.88
C TRP A 597 13.01 13.46 23.53
N GLN A 598 13.45 12.81 22.45
CA GLN A 598 13.25 13.33 21.11
C GLN A 598 11.76 13.36 20.75
N LEU A 599 10.97 12.56 21.45
CA LEU A 599 9.53 12.54 21.22
C LEU A 599 8.85 13.36 22.31
N SER A 600 9.66 14.02 23.14
CA SER A 600 9.16 14.83 24.23
C SER A 600 8.43 14.01 25.28
N MET A 601 8.95 12.82 25.55
CA MET A 601 8.37 11.96 26.56
C MET A 601 8.95 12.48 27.86
N PRO A 602 8.10 13.06 28.72
CA PRO A 602 8.48 13.64 30.02
C PRO A 602 9.23 12.68 30.94
N ASN A 603 10.12 13.23 31.75
CA ASN A 603 10.87 12.44 32.70
C ASN A 603 9.89 12.01 33.79
N GLY A 604 10.10 10.82 34.34
CA GLY A 604 9.22 10.33 35.38
C GLY A 604 7.96 9.69 34.82
N SER A 605 7.56 10.08 33.62
CA SER A 605 6.38 9.49 33.01
C SER A 605 6.73 8.05 32.69
N THR A 606 5.72 7.20 32.64
CA THR A 606 5.94 5.80 32.34
C THR A 606 5.60 5.48 30.89
N VAL A 607 6.24 4.43 30.38
CA VAL A 607 6.02 4.00 29.01
C VAL A 607 5.77 2.49 29.09
N THR A 608 5.09 1.93 28.11
CA THR A 608 4.80 0.50 28.16
C THR A 608 5.08 -0.20 26.85
N ASP A 609 5.86 -1.28 26.90
CA ASP A 609 6.17 -2.04 25.70
C ASP A 609 4.97 -2.93 25.38
N LYS A 610 3.97 -2.35 24.71
CA LYS A 610 2.75 -3.05 24.35
C LYS A 610 2.91 -4.47 23.81
N ILE A 611 4.14 -4.91 23.56
CA ILE A 611 4.37 -6.26 23.07
C ILE A 611 4.60 -7.26 24.21
N THR A 612 5.09 -6.77 25.33
CA THR A 612 5.37 -7.63 26.48
C THR A 612 4.51 -7.24 27.68
N GLY A 613 4.05 -6.00 27.72
CA GLY A 613 3.24 -5.56 28.84
C GLY A 613 4.10 -4.98 29.93
N HIS A 614 5.41 -5.18 29.80
CA HIS A 614 6.36 -4.66 30.78
C HIS A 614 6.44 -3.13 30.68
N SER A 615 6.41 -2.48 31.84
CA SER A 615 6.47 -1.02 31.92
C SER A 615 7.87 -0.51 32.22
N TYR A 616 8.14 0.72 31.76
CA TYR A 616 9.44 1.36 31.96
C TYR A 616 9.23 2.80 32.41
N THR A 617 10.28 3.41 32.95
CA THR A 617 10.18 4.78 33.41
C THR A 617 11.20 5.66 32.70
N VAL A 618 10.77 6.84 32.28
CA VAL A 618 11.66 7.76 31.59
C VAL A 618 12.50 8.55 32.58
N GLN A 619 13.81 8.31 32.53
CA GLN A 619 14.74 9.00 33.41
C GLN A 619 15.89 9.53 32.57
N ASN A 620 16.21 10.81 32.77
CA ASN A 620 17.27 11.46 32.03
C ASN A 620 17.06 11.24 30.52
N GLY A 621 15.83 11.55 30.10
CA GLY A 621 15.43 11.42 28.71
C GLY A 621 15.60 10.07 28.05
N MET A 622 15.85 9.02 28.83
CA MET A 622 16.05 7.71 28.25
C MET A 622 15.12 6.63 28.80
N VAL A 623 15.14 5.49 28.12
CA VAL A 623 14.39 4.30 28.49
C VAL A 623 15.25 3.12 28.06
N THR A 624 15.64 2.30 29.02
CA THR A 624 16.48 1.14 28.71
C THR A 624 15.64 -0.10 28.55
N VAL A 625 15.70 -0.71 27.36
CA VAL A 625 14.93 -1.92 27.10
C VAL A 625 15.82 -2.94 26.39
N ALA A 626 15.71 -4.19 26.82
CA ALA A 626 16.49 -5.26 26.20
C ALA A 626 15.60 -5.92 25.18
N VAL A 627 16.14 -6.19 24.00
CA VAL A 627 15.38 -6.81 22.91
C VAL A 627 16.15 -7.96 22.28
N ASP A 628 15.46 -9.09 22.09
CA ASP A 628 16.07 -10.27 21.49
C ASP A 628 16.42 -10.06 20.02
N GLY A 629 17.36 -10.86 19.53
CA GLY A 629 17.74 -10.75 18.14
C GLY A 629 16.51 -10.99 17.27
N HIS A 630 16.39 -10.22 16.19
CA HIS A 630 15.25 -10.33 15.27
C HIS A 630 13.91 -10.20 15.97
N TYR A 631 13.74 -9.10 16.70
CA TYR A 631 12.52 -8.84 17.43
C TYR A 631 12.44 -7.34 17.71
N GLY A 632 11.44 -6.90 18.47
CA GLY A 632 11.33 -5.48 18.78
C GLY A 632 10.37 -5.15 19.91
N ALA A 633 10.46 -3.91 20.39
CA ALA A 633 9.60 -3.39 21.45
C ALA A 633 8.78 -2.21 20.93
N VAL A 634 7.65 -1.94 21.58
CA VAL A 634 6.77 -0.84 21.17
C VAL A 634 6.40 0.00 22.40
N LEU A 635 7.39 0.77 22.88
CA LEU A 635 7.24 1.62 24.05
C LEU A 635 6.22 2.74 23.85
N ALA A 636 5.05 2.60 24.46
CA ALA A 636 4.00 3.60 24.29
C ALA A 636 3.48 4.27 25.57
N GLN A 637 3.08 5.53 25.42
CA GLN A 637 2.53 6.31 26.52
C GLN A 637 1.46 7.26 25.96
#